data_4Z78
#
_entry.id   4Z78
#
_cell.length_a   46.170
_cell.length_b   151.570
_cell.length_c   182.230
_cell.angle_alpha   90.000
_cell.angle_beta   90.000
_cell.angle_gamma   90.000
#
_symmetry.space_group_name_H-M   'P 21 21 21'
#
loop_
_entity.id
_entity.type
_entity.pdbx_description
1 polymer 'H-2 class I histocompatibility antigen, K-D alpha chain'
2 polymer Beta-2-microglobulin
3 polymer Insulin
4 non-polymer 1,2-ETHANEDIOL
5 non-polymer GLYCEROL
6 non-polymer 'SULFATE ION'
7 water water
#
loop_
_entity_poly.entity_id
_entity_poly.type
_entity_poly.pdbx_seq_one_letter_code
_entity_poly.pdbx_strand_id
1 'polypeptide(L)'
;MGPHSLRYFVTAVSRPGLGEPRFIAVGYVDDTQFVRFDSDADNPRFEPRAPWMEQEGPEYWEEQTQRAKSDEQWFRVSLR
TAQRYYNQSKGGSHTFQRMFGCDVGSDWRLLRGYHQFAYDGRDYIALNEDLKTWTAADTAALITRRKWEQAGDAEYYRAY
LEGECVEWLRRYLELGNETLLRTDSPKAHVTYHPRSQVDVTLRCWALGFYPADITLTWQLNGEDLTQDMELVETRPAGDG
TFQKWAAVVVPLGKEQNYTCHVHHKGLPEPLTLRWKP
;
A,D,G
2 'polypeptide(L)'
;MIQRTPKIQVYSRHPAENGKSNFLNCYVSGFHPSDIEVDLLKNGERIEKVEHSDLSFSKDWSFYLLYYTEFTPTEKDEYA
CRVNHVTLSQPKIVKWDRDM
;
B,E,H
3 'polypeptide(L)' LYLVCGERGF C,F,I
#
# COMPACT_ATOMS: atom_id res chain seq x y z
N MET A 1 -27.77 12.98 8.98
CA MET A 1 -28.93 13.73 9.58
C MET A 1 -28.60 13.91 11.06
N GLY A 2 -29.63 13.91 11.90
CA GLY A 2 -29.52 13.59 13.34
C GLY A 2 -28.88 14.69 14.13
N PRO A 3 -28.90 14.59 15.45
CA PRO A 3 -28.22 15.63 16.21
C PRO A 3 -26.70 15.70 15.91
N HIS A 4 -26.10 16.85 16.15
CA HIS A 4 -24.66 17.01 16.08
C HIS A 4 -24.23 17.91 17.20
N SER A 5 -22.95 17.89 17.56
CA SER A 5 -22.46 18.77 18.57
C SER A 5 -21.05 19.21 18.31
N LEU A 6 -20.75 20.41 18.76
CA LEU A 6 -19.43 21.00 18.78
C LEU A 6 -19.14 21.29 20.27
N ARG A 7 -18.07 20.70 20.82
CA ARG A 7 -17.75 20.83 22.24
C ARG A 7 -16.26 21.08 22.43
N TYR A 8 -15.94 21.97 23.34
CA TYR A 8 -14.60 22.21 23.74
C TYR A 8 -14.48 21.83 25.20
N PHE A 9 -13.44 21.06 25.52
CA PHE A 9 -13.17 20.68 26.92
C PHE A 9 -11.85 21.30 27.34
N VAL A 10 -11.89 22.20 28.30
CA VAL A 10 -10.72 22.99 28.72
C VAL A 10 -10.32 22.71 30.19
N THR A 11 -9.04 22.43 30.40
CA THR A 11 -8.52 22.06 31.70
C THR A 11 -7.34 22.93 32.02
N ALA A 12 -7.33 23.54 33.21
CA ALA A 12 -6.13 24.17 33.77
C ALA A 12 -5.78 23.62 35.13
N VAL A 13 -4.51 23.25 35.31
CA VAL A 13 -4.09 22.64 36.57
C VAL A 13 -2.91 23.41 37.10
N SER A 14 -3.00 23.91 38.33
CA SER A 14 -1.84 24.58 38.95
C SER A 14 -0.84 23.56 39.44
N ARG A 15 0.43 23.96 39.50
CA ARG A 15 1.50 23.02 39.75
C ARG A 15 2.54 23.66 40.66
N PRO A 16 2.31 23.64 41.97
CA PRO A 16 3.24 24.21 42.94
C PRO A 16 4.66 23.90 42.66
N GLY A 17 5.46 24.94 42.68
CA GLY A 17 6.90 24.80 42.54
C GLY A 17 7.37 24.58 41.14
N LEU A 18 6.46 24.66 40.18
CA LEU A 18 6.81 24.37 38.81
C LEU A 18 6.54 25.57 37.87
N GLY A 19 6.08 26.70 38.40
CA GLY A 19 5.71 27.83 37.55
C GLY A 19 4.29 27.74 37.00
N GLU A 20 4.12 27.98 35.71
CA GLU A 20 2.82 28.21 35.17
C GLU A 20 1.93 26.92 35.17
N PRO A 21 0.62 27.09 35.26
CA PRO A 21 -0.31 25.99 35.19
C PRO A 21 -0.28 25.28 33.85
N ARG A 22 -0.66 24.04 33.86
CA ARG A 22 -0.81 23.29 32.66
C ARG A 22 -2.17 23.68 32.12
N PHE A 23 -2.25 24.07 30.85
CA PHE A 23 -3.49 24.48 30.23
C PHE A 23 -3.66 23.70 28.96
N ILE A 24 -4.78 22.98 28.88
CA ILE A 24 -5.06 22.10 27.72
C ILE A 24 -6.46 22.32 27.26
N ALA A 25 -6.61 22.53 25.98
CA ALA A 25 -7.94 22.67 25.37
C ALA A 25 -8.06 21.68 24.26
N VAL A 26 -9.22 21.09 24.17
CA VAL A 26 -9.46 20.07 23.18
C VAL A 26 -10.86 20.30 22.58
N GLY A 27 -10.99 20.21 21.27
CA GLY A 27 -12.27 20.33 20.60
C GLY A 27 -12.72 19.04 19.95
N TYR A 28 -14.01 18.73 20.10
CA TYR A 28 -14.65 17.62 19.44
C TYR A 28 -15.83 18.06 18.57
N VAL A 29 -15.97 17.42 17.41
CA VAL A 29 -17.23 17.36 16.70
C VAL A 29 -17.89 15.97 16.81
N ASP A 30 -19.07 15.89 17.38
CA ASP A 30 -19.66 14.60 17.74
C ASP A 30 -18.61 13.82 18.51
N ASP A 31 -18.32 12.56 18.15
CA ASP A 31 -17.38 11.75 18.93
C ASP A 31 -15.88 11.82 18.45
N THR A 32 -15.54 12.78 17.58
CA THR A 32 -14.24 12.85 16.91
C THR A 32 -13.48 14.12 17.34
N GLN A 33 -12.31 13.95 17.94
CA GLN A 33 -11.52 15.09 18.32
C GLN A 33 -11.01 15.74 17.08
N PHE A 34 -10.98 17.06 17.02
CA PHE A 34 -10.47 17.70 15.82
C PHE A 34 -9.39 18.76 15.99
N VAL A 35 -9.29 19.33 17.18
CA VAL A 35 -8.25 20.33 17.50
C VAL A 35 -7.72 20.18 18.91
N ARG A 36 -6.54 20.78 19.15
CA ARG A 36 -6.04 20.97 20.48
C ARG A 36 -5.14 22.17 20.65
N PHE A 37 -5.05 22.62 21.90
CA PHE A 37 -4.02 23.52 22.34
C PHE A 37 -3.43 22.95 23.64
N ASP A 38 -2.12 22.94 23.75
CA ASP A 38 -1.46 22.46 24.97
C ASP A 38 -0.31 23.40 25.36
N SER A 39 -0.42 24.07 26.52
CA SER A 39 0.59 25.03 27.02
C SER A 39 1.96 24.43 27.21
N ASP A 40 2.06 23.12 27.36
CA ASP A 40 3.36 22.48 27.53
C ASP A 40 4.13 22.19 26.25
N ALA A 41 3.53 22.31 25.08
CA ALA A 41 4.30 22.27 23.86
C ALA A 41 5.35 23.41 23.89
N ASP A 42 6.48 23.19 23.27
CA ASP A 42 7.53 24.24 23.31
C ASP A 42 7.22 25.45 22.42
N ASN A 43 6.29 25.32 21.46
CA ASN A 43 5.71 26.45 20.74
C ASN A 43 4.19 26.35 20.70
N PRO A 44 3.53 26.67 21.82
CA PRO A 44 2.11 26.36 22.00
C PRO A 44 1.22 27.06 20.98
N ARG A 45 0.57 26.27 20.14
CA ARG A 45 -0.33 26.71 19.12
C ARG A 45 -1.60 25.91 19.19
N PHE A 46 -2.67 26.54 18.73
CA PHE A 46 -3.89 25.84 18.44
C PHE A 46 -3.55 25.01 17.19
N GLU A 47 -3.89 23.71 17.18
CA GLU A 47 -3.49 22.88 16.05
C GLU A 47 -4.44 21.75 15.70
N PRO A 48 -4.37 21.24 14.45
CA PRO A 48 -5.33 20.22 14.01
C PRO A 48 -4.99 18.87 14.59
N ARG A 49 -6.02 18.12 14.93
CA ARG A 49 -5.90 16.75 15.36
C ARG A 49 -6.69 15.78 14.52
N ALA A 50 -7.13 16.23 13.36
CA ALA A 50 -7.74 15.41 12.33
C ALA A 50 -7.19 15.89 10.97
N PRO A 51 -6.80 14.98 10.08
CA PRO A 51 -6.25 15.45 8.81
C PRO A 51 -7.17 16.39 8.01
N TRP A 52 -8.47 16.21 8.10
CA TRP A 52 -9.37 17.09 7.37
C TRP A 52 -9.39 18.54 7.86
N MET A 53 -8.87 18.81 9.05
CA MET A 53 -8.78 20.20 9.51
C MET A 53 -7.65 20.98 8.86
N GLU A 54 -6.79 20.30 8.15
CA GLU A 54 -5.71 21.01 7.47
C GLU A 54 -6.20 21.93 6.37
N GLN A 55 -7.47 21.83 6.01
CA GLN A 55 -8.05 22.75 5.04
C GLN A 55 -8.28 24.21 5.55
N GLU A 56 -8.34 24.40 6.87
CA GLU A 56 -8.40 25.74 7.43
C GLU A 56 -7.05 26.47 7.22
N GLY A 57 -7.11 27.71 6.79
CA GLY A 57 -5.95 28.53 6.51
C GLY A 57 -5.35 29.17 7.73
N PRO A 58 -4.24 29.88 7.51
CA PRO A 58 -3.43 30.38 8.59
C PRO A 58 -4.15 31.31 9.54
N GLU A 59 -5.06 32.09 9.00
CA GLU A 59 -5.78 33.03 9.80
C GLU A 59 -6.62 32.38 10.87
N TYR A 60 -7.28 31.27 10.53
CA TYR A 60 -7.97 30.51 11.53
C TYR A 60 -7.05 30.05 12.67
N TRP A 61 -5.88 29.51 12.32
CA TRP A 61 -4.96 28.97 13.33
C TRP A 61 -4.39 30.10 14.22
N GLU A 62 -4.06 31.22 13.61
CA GLU A 62 -3.56 32.35 14.35
C GLU A 62 -4.60 32.92 15.29
N GLU A 63 -5.81 33.15 14.80
CA GLU A 63 -6.87 33.72 15.59
C GLU A 63 -7.13 32.79 16.74
N GLN A 64 -7.23 31.49 16.48
CA GLN A 64 -7.59 30.53 17.56
C GLN A 64 -6.46 30.41 18.60
N THR A 65 -5.22 30.50 18.17
CA THR A 65 -4.12 30.49 19.10
C THR A 65 -4.17 31.69 20.04
N GLN A 66 -4.42 32.88 19.49
CA GLN A 66 -4.57 34.10 20.29
C GLN A 66 -5.69 33.96 21.28
N ARG A 67 -6.79 33.35 20.89
CA ARG A 67 -7.86 33.15 21.83
C ARG A 67 -7.51 32.13 22.90
N ALA A 68 -6.75 31.12 22.53
CA ALA A 68 -6.38 30.12 23.51
C ALA A 68 -5.44 30.75 24.55
N LYS A 69 -4.47 31.52 24.08
CA LYS A 69 -3.53 32.21 24.97
C LYS A 69 -4.15 33.20 25.91
N SER A 70 -5.18 33.87 25.44
CA SER A 70 -5.86 34.82 26.27
C SER A 70 -6.63 34.08 27.37
N ASP A 71 -7.31 33.01 26.99
CA ASP A 71 -7.98 32.15 27.97
C ASP A 71 -6.98 31.54 28.97
N GLU A 72 -5.82 31.11 28.51
CA GLU A 72 -4.83 30.53 29.38
C GLU A 72 -4.47 31.52 30.51
N GLN A 73 -4.22 32.76 30.13
CA GLN A 73 -3.91 33.80 31.13
C GLN A 73 -5.10 34.01 32.11
N TRP A 74 -6.33 33.98 31.61
CA TRP A 74 -7.48 34.16 32.45
C TRP A 74 -7.64 32.99 33.46
N PHE A 75 -7.35 31.76 33.06
CA PHE A 75 -7.45 30.65 33.99
C PHE A 75 -6.37 30.75 35.04
N ARG A 76 -5.21 31.27 34.65
CA ARG A 76 -4.13 31.35 35.59
C ARG A 76 -4.46 32.29 36.70
N VAL A 77 -5.01 33.44 36.33
CA VAL A 77 -5.47 34.42 37.28
C VAL A 77 -6.59 33.86 38.16
N SER A 78 -7.53 33.17 37.58
CA SER A 78 -8.62 32.63 38.35
C SER A 78 -8.15 31.60 39.37
N LEU A 79 -7.20 30.76 38.97
CA LEU A 79 -6.66 29.79 39.91
C LEU A 79 -6.02 30.50 41.09
N ARG A 80 -5.31 31.58 40.83
CA ARG A 80 -4.66 32.30 41.94
C ARG A 80 -5.70 32.98 42.84
N THR A 81 -6.74 33.50 42.25
CA THR A 81 -7.81 34.13 42.99
C THR A 81 -8.58 33.11 43.85
N ALA A 82 -8.89 31.94 43.31
CA ALA A 82 -9.67 30.96 44.04
C ALA A 82 -8.96 30.48 45.29
N GLN A 83 -7.67 30.24 45.11
CA GLN A 83 -6.80 29.74 46.16
C GLN A 83 -6.80 30.72 47.32
N ARG A 84 -6.83 32.01 47.03
CA ARG A 84 -6.96 33.00 48.08
C ARG A 84 -8.32 32.81 48.73
N TYR A 85 -9.36 32.92 47.91
CA TYR A 85 -10.72 32.98 48.39
C TYR A 85 -11.22 31.76 49.18
N TYR A 86 -10.84 30.53 48.80
CA TYR A 86 -11.26 29.36 49.55
C TYR A 86 -10.37 29.02 50.73
N ASN A 87 -9.32 29.80 50.94
CA ASN A 87 -8.46 29.62 52.13
C ASN A 87 -7.78 28.27 52.15
N GLN A 88 -7.21 27.96 51.01
CA GLN A 88 -6.49 26.75 50.75
C GLN A 88 -5.05 26.97 51.20
N SER A 89 -4.88 27.06 52.52
CA SER A 89 -3.64 27.55 53.10
C SER A 89 -2.47 26.56 53.04
N LYS A 90 -2.76 25.33 52.67
CA LYS A 90 -1.76 24.31 52.46
C LYS A 90 -1.30 24.30 50.99
N GLY A 91 -1.87 25.19 50.18
CA GLY A 91 -1.47 25.31 48.79
C GLY A 91 -1.95 24.13 47.96
N GLY A 92 -1.06 23.62 47.13
CA GLY A 92 -1.37 22.46 46.35
C GLY A 92 -1.87 22.79 44.96
N SER A 93 -2.06 21.71 44.22
CA SER A 93 -2.48 21.74 42.86
C SER A 93 -4.00 21.81 42.80
N HIS A 94 -4.55 22.69 41.98
CA HIS A 94 -5.98 22.76 41.87
C HIS A 94 -6.36 22.79 40.42
N THR A 95 -7.63 22.47 40.15
CA THR A 95 -8.09 22.31 38.80
C THR A 95 -9.31 23.19 38.49
N PHE A 96 -9.22 23.96 37.40
CA PHE A 96 -10.35 24.62 36.78
C PHE A 96 -10.68 24.00 35.44
N GLN A 97 -11.90 23.60 35.24
CA GLN A 97 -12.32 23.06 33.93
C GLN A 97 -13.47 23.87 33.36
N ARG A 98 -13.46 24.00 32.06
CA ARG A 98 -14.54 24.66 31.36
C ARG A 98 -15.01 23.72 30.23
N MET A 99 -16.32 23.62 30.08
CA MET A 99 -16.91 22.98 28.94
C MET A 99 -17.80 24.00 28.23
N PHE A 100 -17.65 24.11 26.92
CA PHE A 100 -18.59 24.92 26.18
C PHE A 100 -18.81 24.42 24.80
N GLY A 101 -19.93 24.86 24.23
CA GLY A 101 -20.33 24.42 22.93
C GLY A 101 -21.82 24.29 22.68
N CYS A 102 -22.17 23.62 21.58
CA CYS A 102 -23.54 23.57 21.11
C CYS A 102 -23.94 22.21 20.70
N ASP A 103 -25.12 21.76 21.17
CA ASP A 103 -25.87 20.65 20.59
C ASP A 103 -26.95 21.17 19.69
N VAL A 104 -26.97 20.71 18.44
CA VAL A 104 -28.02 21.04 17.52
C VAL A 104 -28.84 19.84 17.13
N GLY A 105 -30.11 20.08 16.85
CA GLY A 105 -31.01 19.03 16.43
C GLY A 105 -30.83 18.73 14.95
N SER A 106 -31.58 17.74 14.49
CA SER A 106 -31.55 17.33 13.09
C SER A 106 -32.07 18.45 12.17
N ASP A 107 -32.93 19.31 12.73
CA ASP A 107 -33.36 20.51 12.04
C ASP A 107 -32.50 21.78 12.31
N TRP A 108 -31.38 21.60 12.98
CA TRP A 108 -30.40 22.67 13.22
C TRP A 108 -30.78 23.71 14.23
N ARG A 109 -31.80 23.42 15.01
CA ARG A 109 -32.12 24.31 16.08
C ARG A 109 -31.07 24.09 17.17
N LEU A 110 -30.82 25.09 17.99
CA LEU A 110 -29.93 24.90 19.10
C LEU A 110 -30.65 24.17 20.25
N LEU A 111 -30.38 22.89 20.43
CA LEU A 111 -31.02 22.11 21.51
C LEU A 111 -30.49 22.55 22.86
N ARG A 112 -29.18 22.75 22.96
CA ARG A 112 -28.58 23.22 24.17
C ARG A 112 -27.32 23.95 23.86
N GLY A 113 -27.11 25.12 24.46
CA GLY A 113 -25.81 25.82 24.41
C GLY A 113 -25.14 25.65 25.77
N TYR A 114 -23.85 25.35 25.81
CA TYR A 114 -23.13 25.14 27.07
C TYR A 114 -22.06 26.16 27.31
N HIS A 115 -21.97 26.62 28.55
CA HIS A 115 -20.87 27.45 29.01
C HIS A 115 -20.80 27.35 30.55
N GLN A 116 -19.85 26.54 31.04
CA GLN A 116 -20.03 25.80 32.28
C GLN A 116 -18.62 25.56 32.88
N PHE A 117 -18.49 25.63 34.20
CA PHE A 117 -17.19 25.52 34.88
C PHE A 117 -17.23 24.62 36.10
N ALA A 118 -16.11 23.98 36.37
CA ALA A 118 -15.92 23.18 37.57
C ALA A 118 -14.60 23.55 38.24
N TYR A 119 -14.59 23.55 39.58
CA TYR A 119 -13.37 23.77 40.34
C TYR A 119 -13.11 22.54 41.22
N ASP A 120 -11.88 21.99 41.11
CA ASP A 120 -11.51 20.76 41.80
C ASP A 120 -12.54 19.64 41.64
N GLY A 121 -13.08 19.54 40.43
CA GLY A 121 -14.01 18.45 40.04
C GLY A 121 -15.47 18.64 40.39
N ARG A 122 -15.82 19.83 40.90
CA ARG A 122 -17.18 20.09 41.27
C ARG A 122 -17.73 21.28 40.54
N ASP A 123 -19.01 21.17 40.22
CA ASP A 123 -19.67 22.29 39.59
C ASP A 123 -19.41 23.59 40.32
N TYR A 124 -19.09 24.63 39.54
CA TYR A 124 -18.85 25.92 40.08
C TYR A 124 -19.89 26.91 39.60
N ILE A 125 -19.95 27.16 38.31
CA ILE A 125 -21.02 27.97 37.75
C ILE A 125 -21.33 27.53 36.35
N ALA A 126 -22.59 27.63 35.97
CA ALA A 126 -23.04 27.19 34.66
C ALA A 126 -24.10 28.09 34.11
N LEU A 127 -23.96 28.39 32.83
CA LEU A 127 -24.99 29.11 32.09
C LEU A 127 -26.19 28.18 31.90
N ASN A 128 -27.36 28.65 32.29
CA ASN A 128 -28.55 27.79 32.19
C ASN A 128 -29.02 27.62 30.75
N GLU A 129 -29.99 26.72 30.58
CA GLU A 129 -30.49 26.40 29.26
C GLU A 129 -31.16 27.60 28.56
N ASP A 130 -31.78 28.49 29.32
CA ASP A 130 -32.29 29.75 28.80
C ASP A 130 -31.20 30.69 28.19
N LEU A 131 -29.92 30.42 28.44
CA LEU A 131 -28.82 31.27 28.01
C LEU A 131 -28.97 32.71 28.51
N LYS A 132 -29.60 32.88 29.66
CA LYS A 132 -29.84 34.16 30.29
C LYS A 132 -29.37 34.20 31.76
N THR A 133 -29.51 33.12 32.50
CA THR A 133 -29.22 33.11 33.91
C THR A 133 -28.21 32.01 34.22
N TRP A 134 -27.68 32.07 35.43
CA TRP A 134 -26.61 31.18 35.84
C TRP A 134 -27.01 30.38 37.04
N THR A 135 -26.48 29.17 37.11
CA THR A 135 -26.60 28.34 38.30
C THR A 135 -25.22 28.40 38.97
N ALA A 136 -25.15 28.93 40.19
CA ALA A 136 -23.92 28.97 41.03
C ALA A 136 -23.94 27.95 42.15
N ALA A 137 -22.84 27.28 42.43
CA ALA A 137 -22.87 26.19 43.41
C ALA A 137 -22.66 26.63 44.89
N ASP A 138 -21.94 27.73 45.15
CA ASP A 138 -21.59 28.11 46.54
C ASP A 138 -21.40 29.60 46.54
N THR A 139 -20.93 30.17 47.64
CA THR A 139 -20.91 31.62 47.69
C THR A 139 -19.79 32.29 46.82
N ALA A 140 -18.70 31.61 46.61
CA ALA A 140 -17.71 32.09 45.65
C ALA A 140 -18.30 32.24 44.25
N ALA A 141 -19.05 31.23 43.85
CA ALA A 141 -19.70 31.28 42.59
C ALA A 141 -20.82 32.34 42.56
N LEU A 142 -21.50 32.65 43.65
CA LEU A 142 -22.40 33.77 43.68
C LEU A 142 -21.68 35.07 43.39
N ILE A 143 -20.47 35.20 43.87
CA ILE A 143 -19.70 36.40 43.66
C ILE A 143 -19.36 36.47 42.18
N THR A 144 -18.87 35.38 41.59
CA THR A 144 -18.58 35.44 40.17
C THR A 144 -19.84 35.68 39.34
N ARG A 145 -20.96 35.12 39.78
CA ARG A 145 -22.22 35.37 39.11
C ARG A 145 -22.60 36.85 39.02
N ARG A 146 -22.46 37.56 40.14
CA ARG A 146 -22.71 38.99 40.18
C ARG A 146 -21.85 39.74 39.20
N LYS A 147 -20.56 39.43 39.17
CA LYS A 147 -19.64 40.05 38.20
C LYS A 147 -20.08 39.76 36.75
N TRP A 148 -20.40 38.52 36.47
CA TRP A 148 -20.83 38.13 35.15
C TRP A 148 -22.17 38.74 34.72
N GLU A 149 -23.11 38.92 35.64
CA GLU A 149 -24.32 39.71 35.35
C GLU A 149 -23.96 41.16 35.03
N GLN A 150 -23.09 41.76 35.84
CA GLN A 150 -22.60 43.13 35.66
C GLN A 150 -21.96 43.35 34.30
N ALA A 151 -21.19 42.38 33.84
CA ALA A 151 -20.50 42.48 32.56
C ALA A 151 -21.35 42.08 31.31
N GLY A 152 -22.53 41.49 31.52
CA GLY A 152 -23.36 40.96 30.45
C GLY A 152 -22.84 39.73 29.75
N ASP A 153 -22.07 38.89 30.46
CA ASP A 153 -21.47 37.71 29.82
C ASP A 153 -22.49 36.75 29.24
N ALA A 154 -23.64 36.61 29.89
CA ALA A 154 -24.62 35.66 29.41
C ALA A 154 -25.08 36.07 27.99
N GLU A 155 -25.27 37.37 27.77
CA GLU A 155 -25.70 37.89 26.47
C GLU A 155 -24.63 37.67 25.40
N TYR A 156 -23.36 37.78 25.78
CA TYR A 156 -22.27 37.64 24.86
C TYR A 156 -22.15 36.17 24.47
N TYR A 157 -22.15 35.29 25.46
CA TYR A 157 -22.08 33.89 25.15
C TYR A 157 -23.37 33.36 24.46
N ARG A 158 -24.52 33.95 24.73
CA ARG A 158 -25.72 33.56 24.04
C ARG A 158 -25.60 33.89 22.52
N ALA A 159 -25.13 35.09 22.19
CA ALA A 159 -24.88 35.45 20.78
C ALA A 159 -23.90 34.48 20.10
N TYR A 160 -22.85 34.06 20.77
CA TYR A 160 -21.91 33.11 20.17
C TYR A 160 -22.55 31.72 20.01
N LEU A 161 -23.25 31.25 21.03
CA LEU A 161 -23.81 29.92 20.99
C LEU A 161 -24.93 29.79 19.95
N GLU A 162 -25.73 30.84 19.75
CA GLU A 162 -26.79 30.75 18.79
C GLU A 162 -26.33 31.06 17.36
N GLY A 163 -25.14 31.63 17.19
CA GLY A 163 -24.66 32.13 15.90
C GLY A 163 -23.38 31.42 15.51
N GLU A 164 -22.23 32.00 15.84
CA GLU A 164 -20.97 31.42 15.45
C GLU A 164 -20.83 29.92 15.80
N CYS A 165 -21.31 29.48 16.97
CA CYS A 165 -21.11 28.10 17.35
C CYS A 165 -21.72 27.15 16.28
N VAL A 166 -22.93 27.48 15.85
CA VAL A 166 -23.68 26.66 14.94
C VAL A 166 -23.11 26.76 13.54
N GLU A 167 -22.73 27.95 13.14
CA GLU A 167 -22.14 28.20 11.84
C GLU A 167 -20.81 27.44 11.67
N TRP A 168 -20.00 27.36 12.72
CA TRP A 168 -18.73 26.68 12.64
C TRP A 168 -18.94 25.16 12.67
N LEU A 169 -19.94 24.72 13.37
CA LEU A 169 -20.26 23.27 13.40
C LEU A 169 -20.59 22.77 12.00
N ARG A 170 -21.41 23.55 11.29
CA ARG A 170 -21.75 23.24 9.92
C ARG A 170 -20.56 23.17 9.06
N ARG A 171 -19.70 24.15 9.22
CA ARG A 171 -18.53 24.19 8.41
C ARG A 171 -17.67 22.95 8.70
N TYR A 172 -17.50 22.59 9.96
CA TYR A 172 -16.62 21.48 10.26
C TYR A 172 -17.21 20.17 9.73
N LEU A 173 -18.53 20.02 9.82
CA LEU A 173 -19.19 18.85 9.24
C LEU A 173 -19.01 18.73 7.74
N GLU A 174 -19.01 19.83 7.02
CA GLU A 174 -18.67 19.82 5.61
C GLU A 174 -17.22 19.45 5.38
N LEU A 175 -16.28 20.12 6.05
CA LEU A 175 -14.85 19.85 5.85
C LEU A 175 -14.46 18.41 6.14
N GLY A 176 -15.05 17.84 7.20
CA GLY A 176 -14.76 16.50 7.59
C GLY A 176 -15.83 15.52 7.20
N ASN A 177 -16.67 15.82 6.23
CA ASN A 177 -17.83 14.98 6.02
C ASN A 177 -17.57 13.49 5.75
N GLU A 178 -16.51 13.17 5.02
CA GLU A 178 -16.15 11.74 4.75
C GLU A 178 -16.06 10.96 6.05
N THR A 179 -15.51 11.57 7.09
CA THR A 179 -15.32 10.88 8.34
C THR A 179 -16.44 11.13 9.37
N LEU A 180 -16.87 12.39 9.49
CA LEU A 180 -17.91 12.77 10.47
C LEU A 180 -19.32 12.33 10.10
N LEU A 181 -19.65 12.33 8.82
CA LEU A 181 -20.98 11.88 8.42
C LEU A 181 -21.08 10.38 8.06
N ARG A 182 -20.03 9.60 8.30
CA ARG A 182 -20.10 8.17 8.08
C ARG A 182 -20.84 7.49 9.20
N THR A 183 -21.32 6.29 8.95
CA THR A 183 -21.78 5.47 10.01
C THR A 183 -21.18 4.08 9.77
N ASP A 184 -20.40 3.59 10.72
CA ASP A 184 -19.73 2.30 10.62
C ASP A 184 -20.50 1.34 11.49
N SER A 185 -21.07 0.36 10.85
CA SER A 185 -21.86 -0.60 11.54
C SER A 185 -20.94 -1.43 12.39
N PRO A 186 -21.40 -1.82 13.56
CA PRO A 186 -20.68 -2.82 14.34
C PRO A 186 -20.62 -4.20 13.70
N LYS A 187 -19.44 -4.80 13.80
CA LYS A 187 -19.18 -6.20 13.47
C LYS A 187 -19.33 -6.90 14.81
N ALA A 188 -20.23 -7.84 14.89
CA ALA A 188 -20.49 -8.49 16.16
C ALA A 188 -20.28 -9.99 16.10
N HIS A 189 -19.93 -10.58 17.22
CA HIS A 189 -19.82 -12.02 17.33
C HIS A 189 -19.83 -12.41 18.81
N VAL A 190 -20.10 -13.68 19.07
CA VAL A 190 -20.18 -14.21 20.40
C VAL A 190 -19.01 -15.16 20.68
N THR A 191 -18.39 -15.02 21.85
CA THR A 191 -17.39 -15.98 22.30
C THR A 191 -17.85 -16.70 23.56
N TYR A 192 -17.22 -17.84 23.79
CA TYR A 192 -17.60 -18.77 24.81
C TYR A 192 -16.42 -19.00 25.77
N HIS A 193 -16.68 -18.99 27.08
CA HIS A 193 -15.58 -19.07 28.08
C HIS A 193 -15.97 -19.94 29.20
N PRO A 194 -15.26 -21.05 29.37
CA PRO A 194 -15.59 -21.97 30.46
C PRO A 194 -15.51 -21.25 31.82
N ARG A 195 -16.36 -21.64 32.77
CA ARG A 195 -16.30 -21.12 34.13
C ARG A 195 -16.30 -22.19 35.22
N SER A 196 -17.25 -23.11 35.19
CA SER A 196 -17.30 -24.16 36.19
C SER A 196 -17.96 -25.38 35.60
N GLN A 197 -18.19 -26.40 36.41
CA GLN A 197 -18.91 -27.59 35.93
C GLN A 197 -20.31 -27.21 35.58
N VAL A 198 -20.90 -26.24 36.29
CA VAL A 198 -22.33 -25.95 36.09
C VAL A 198 -22.63 -24.78 35.14
N ASP A 199 -21.65 -23.94 34.84
CA ASP A 199 -21.91 -22.77 33.98
C ASP A 199 -20.71 -22.27 33.20
N VAL A 200 -21.01 -21.35 32.29
CA VAL A 200 -20.02 -20.73 31.41
C VAL A 200 -20.41 -19.28 31.15
N THR A 201 -19.49 -18.57 30.51
CA THR A 201 -19.70 -17.20 30.15
C THR A 201 -19.84 -17.08 28.65
N LEU A 202 -20.88 -16.40 28.19
CA LEU A 202 -21.01 -16.02 26.79
C LEU A 202 -20.74 -14.55 26.71
N ARG A 203 -19.89 -14.13 25.79
CA ARG A 203 -19.55 -12.72 25.67
C ARG A 203 -19.87 -12.25 24.26
N CYS A 204 -20.67 -11.21 24.19
CA CYS A 204 -21.07 -10.63 22.96
C CYS A 204 -20.25 -9.35 22.69
N TRP A 205 -19.65 -9.29 21.50
CA TRP A 205 -18.73 -8.25 21.15
C TRP A 205 -19.32 -7.39 20.04
N ALA A 206 -19.14 -6.07 20.12
CA ALA A 206 -19.42 -5.17 19.02
C ALA A 206 -18.15 -4.38 18.76
N LEU A 207 -17.66 -4.45 17.54
CA LEU A 207 -16.36 -3.92 17.18
C LEU A 207 -16.45 -3.04 15.96
N GLY A 208 -15.60 -2.02 15.91
CA GLY A 208 -15.44 -1.21 14.70
C GLY A 208 -16.56 -0.23 14.38
N PHE A 209 -17.28 0.24 15.38
CA PHE A 209 -18.46 1.05 15.11
C PHE A 209 -18.28 2.57 15.32
N TYR A 210 -19.11 3.36 14.65
CA TYR A 210 -19.12 4.79 14.77
C TYR A 210 -20.53 5.21 14.33
N PRO A 211 -21.23 6.08 15.05
CA PRO A 211 -20.79 6.75 16.26
C PRO A 211 -20.82 5.83 17.49
N ALA A 212 -20.48 6.36 18.66
CA ALA A 212 -20.25 5.52 19.84
C ALA A 212 -21.55 4.98 20.45
N ASP A 213 -22.62 5.73 20.31
CA ASP A 213 -23.87 5.29 20.89
C ASP A 213 -24.23 3.87 20.37
N ILE A 214 -24.48 2.94 21.29
CA ILE A 214 -24.89 1.58 20.96
C ILE A 214 -25.61 0.89 22.11
N THR A 215 -26.46 -0.10 21.81
CA THR A 215 -27.09 -0.97 22.82
C THR A 215 -26.82 -2.43 22.49
N LEU A 216 -26.33 -3.17 23.48
CA LEU A 216 -26.14 -4.62 23.47
C LEU A 216 -27.03 -5.21 24.57
N THR A 217 -27.88 -6.18 24.25
CA THR A 217 -28.68 -6.81 25.27
C THR A 217 -28.72 -8.32 25.04
N TRP A 218 -28.58 -9.10 26.10
CA TRP A 218 -28.77 -10.53 26.03
C TRP A 218 -30.23 -10.82 26.33
N GLN A 219 -30.75 -11.85 25.67
CA GLN A 219 -32.08 -12.36 25.94
C GLN A 219 -32.10 -13.87 26.02
N LEU A 220 -33.11 -14.41 26.68
CA LEU A 220 -33.36 -15.85 26.75
C LEU A 220 -34.74 -16.12 26.18
N ASN A 221 -34.83 -16.48 24.91
CA ASN A 221 -36.11 -16.72 24.23
C ASN A 221 -37.13 -15.56 24.38
N GLY A 222 -36.69 -14.31 24.26
CA GLY A 222 -37.58 -13.14 24.49
C GLY A 222 -37.39 -12.36 25.81
N GLU A 223 -36.94 -13.06 26.83
CA GLU A 223 -36.79 -12.52 28.18
C GLU A 223 -35.54 -11.65 28.24
N ASP A 224 -35.70 -10.41 28.66
CA ASP A 224 -34.63 -9.45 28.72
C ASP A 224 -33.68 -9.72 29.89
N LEU A 225 -32.40 -9.89 29.62
CA LEU A 225 -31.45 -10.20 30.68
C LEU A 225 -30.58 -9.03 31.07
N THR A 226 -30.96 -7.82 30.66
CA THR A 226 -30.10 -6.65 30.80
C THR A 226 -29.45 -6.60 32.20
N GLN A 227 -30.25 -6.82 33.26
CA GLN A 227 -29.80 -6.71 34.63
C GLN A 227 -28.90 -7.83 35.15
N ASP A 228 -28.90 -9.01 34.51
CA ASP A 228 -27.95 -10.09 34.88
C ASP A 228 -26.62 -10.04 34.13
N MET A 229 -26.40 -9.04 33.30
CA MET A 229 -25.23 -9.11 32.46
C MET A 229 -24.08 -8.26 32.99
N GLU A 230 -22.87 -8.58 32.57
CA GLU A 230 -21.71 -7.72 32.84
C GLU A 230 -21.44 -6.94 31.56
N LEU A 231 -21.28 -5.64 31.68
CA LEU A 231 -21.30 -4.75 30.54
C LEU A 231 -20.14 -3.77 30.69
N VAL A 232 -19.17 -3.73 29.77
CA VAL A 232 -18.08 -2.75 29.90
C VAL A 232 -18.51 -1.46 29.26
N GLU A 233 -17.90 -0.37 29.70
CA GLU A 233 -18.09 0.90 29.04
C GLU A 233 -17.57 0.83 27.62
N THR A 234 -18.23 1.60 26.77
CA THR A 234 -17.78 1.78 25.41
C THR A 234 -16.41 2.39 25.43
N ARG A 235 -15.52 1.87 24.57
CA ARG A 235 -14.11 2.22 24.62
C ARG A 235 -13.53 2.47 23.20
N PRO A 236 -12.59 3.41 23.08
CA PRO A 236 -12.07 3.75 21.77
C PRO A 236 -11.12 2.69 21.30
N ALA A 237 -11.22 2.33 20.04
CA ALA A 237 -10.27 1.42 19.46
C ALA A 237 -8.96 2.08 19.12
N GLY A 238 -8.96 3.41 18.95
CA GLY A 238 -7.73 4.17 18.63
C GLY A 238 -7.63 4.59 17.17
N ASP A 239 -8.48 4.01 16.31
CA ASP A 239 -8.52 4.26 14.85
C ASP A 239 -9.78 5.04 14.45
N GLY A 240 -10.41 5.69 15.44
CA GLY A 240 -11.66 6.43 15.18
C GLY A 240 -12.94 5.60 15.39
N THR A 241 -12.81 4.28 15.61
CA THR A 241 -13.98 3.46 15.91
C THR A 241 -14.04 3.05 17.39
N PHE A 242 -15.18 2.50 17.80
CA PHE A 242 -15.43 2.12 19.20
C PHE A 242 -15.74 0.64 19.35
N GLN A 243 -15.63 0.16 20.59
CA GLN A 243 -15.84 -1.23 20.95
C GLN A 243 -16.68 -1.36 22.20
N LYS A 244 -17.36 -2.50 22.32
CA LYS A 244 -18.10 -2.78 23.53
C LYS A 244 -18.36 -4.26 23.63
N TRP A 245 -18.48 -4.78 24.84
CA TRP A 245 -19.01 -6.15 25.01
C TRP A 245 -19.91 -6.32 26.22
N ALA A 246 -20.69 -7.37 26.18
CA ALA A 246 -21.60 -7.70 27.23
C ALA A 246 -21.61 -9.20 27.43
N ALA A 247 -21.54 -9.62 28.66
CA ALA A 247 -21.42 -11.04 28.95
C ALA A 247 -22.50 -11.49 29.91
N VAL A 248 -22.78 -12.77 29.84
CA VAL A 248 -23.77 -13.35 30.69
C VAL A 248 -23.28 -14.75 31.09
N VAL A 249 -23.58 -15.14 32.32
CA VAL A 249 -23.22 -16.44 32.83
C VAL A 249 -24.42 -17.32 32.65
N VAL A 250 -24.25 -18.49 32.01
CA VAL A 250 -25.39 -19.34 31.70
C VAL A 250 -25.09 -20.81 31.98
N PRO A 251 -26.13 -21.64 32.21
CA PRO A 251 -25.87 -23.06 32.56
C PRO A 251 -25.17 -23.85 31.43
N LEU A 252 -24.17 -24.61 31.80
CA LEU A 252 -23.45 -25.44 30.89
C LEU A 252 -24.49 -26.26 30.12
N GLY A 253 -24.40 -26.23 28.79
CA GLY A 253 -25.35 -26.95 27.92
C GLY A 253 -26.61 -26.22 27.45
N LYS A 254 -26.80 -24.96 27.83
CA LYS A 254 -27.97 -24.21 27.33
C LYS A 254 -27.58 -23.01 26.50
N GLU A 255 -26.33 -22.97 26.07
CA GLU A 255 -25.75 -21.83 25.39
C GLU A 255 -26.64 -21.37 24.22
N GLN A 256 -27.20 -22.33 23.51
CA GLN A 256 -28.00 -22.11 22.29
C GLN A 256 -29.28 -21.34 22.54
N ASN A 257 -29.78 -21.32 23.77
CA ASN A 257 -31.00 -20.60 24.09
C ASN A 257 -30.83 -19.07 24.31
N TYR A 258 -29.60 -18.59 24.35
CA TYR A 258 -29.31 -17.19 24.62
C TYR A 258 -28.95 -16.43 23.35
N THR A 259 -29.47 -15.22 23.22
CA THR A 259 -29.25 -14.41 22.02
C THR A 259 -28.83 -13.00 22.43
N CYS A 260 -27.88 -12.46 21.71
CA CYS A 260 -27.40 -11.15 21.87
C CYS A 260 -28.08 -10.28 20.80
N HIS A 261 -28.56 -9.11 21.20
CA HIS A 261 -29.26 -8.17 20.30
C HIS A 261 -28.47 -6.87 20.28
N VAL A 262 -28.17 -6.38 19.09
CA VAL A 262 -27.34 -5.21 18.93
C VAL A 262 -28.11 -4.09 18.22
N HIS A 263 -28.13 -2.91 18.83
CA HIS A 263 -28.82 -1.75 18.26
C HIS A 263 -27.82 -0.64 18.02
N HIS A 264 -27.83 -0.10 16.80
CA HIS A 264 -26.89 0.92 16.39
C HIS A 264 -27.45 1.68 15.19
N LYS A 265 -27.07 2.95 15.06
CA LYS A 265 -27.49 3.76 13.91
C LYS A 265 -27.31 3.03 12.58
N GLY A 266 -26.21 2.31 12.44
CA GLY A 266 -25.89 1.49 11.25
C GLY A 266 -26.70 0.21 10.98
N LEU A 267 -27.58 -0.14 11.89
CA LEU A 267 -28.37 -1.34 11.77
C LEU A 267 -29.86 -1.02 11.56
N PRO A 268 -30.36 -1.23 10.33
CA PRO A 268 -31.76 -0.90 10.05
C PRO A 268 -32.71 -1.62 11.01
N GLU A 269 -32.33 -2.84 11.38
CA GLU A 269 -32.98 -3.54 12.45
C GLU A 269 -31.95 -4.20 13.33
N PRO A 270 -32.34 -4.52 14.57
CA PRO A 270 -31.37 -5.15 15.47
C PRO A 270 -30.72 -6.42 14.89
N LEU A 271 -29.44 -6.58 15.14
CA LEU A 271 -28.72 -7.81 14.86
C LEU A 271 -28.99 -8.80 15.97
N THR A 272 -29.28 -10.03 15.61
CA THR A 272 -29.45 -11.11 16.56
C THR A 272 -28.31 -12.11 16.35
N LEU A 273 -27.65 -12.49 17.44
CA LEU A 273 -26.49 -13.41 17.39
C LEU A 273 -26.54 -14.44 18.50
N ARG A 274 -25.99 -15.62 18.20
CA ARG A 274 -25.83 -16.73 19.13
C ARG A 274 -24.38 -17.26 19.09
N TRP A 275 -23.99 -17.98 20.14
CA TRP A 275 -22.74 -18.74 20.13
C TRP A 275 -22.81 -19.70 18.97
N LYS A 276 -21.76 -19.71 18.14
CA LYS A 276 -21.64 -20.53 16.95
C LYS A 276 -20.45 -21.50 17.17
N PRO A 277 -20.68 -22.64 17.85
CA PRO A 277 -19.53 -23.48 18.18
C PRO A 277 -18.85 -24.09 16.94
N MET B 1 -11.01 19.15 47.03
CA MET B 1 -10.60 18.28 45.92
C MET B 1 -11.49 17.03 45.93
N ILE B 2 -12.21 16.77 44.83
CA ILE B 2 -12.84 15.46 44.73
C ILE B 2 -11.81 14.52 44.18
N GLN B 3 -11.95 13.26 44.56
CA GLN B 3 -11.10 12.18 44.13
C GLN B 3 -11.97 11.04 43.54
N ARG B 4 -11.73 10.71 42.29
CA ARG B 4 -12.40 9.59 41.66
C ARG B 4 -11.32 8.72 41.08
N THR B 5 -11.45 7.43 41.38
CA THR B 5 -10.45 6.46 41.04
C THR B 5 -10.67 6.02 39.61
N PRO B 6 -9.60 5.80 38.87
CA PRO B 6 -9.78 5.51 37.44
C PRO B 6 -10.34 4.13 37.19
N LYS B 7 -11.20 4.02 36.19
CA LYS B 7 -11.58 2.75 35.61
C LYS B 7 -10.54 2.45 34.55
N ILE B 8 -10.20 1.17 34.39
CA ILE B 8 -9.11 0.78 33.55
C ILE B 8 -9.54 -0.37 32.68
N GLN B 9 -9.38 -0.27 31.36
CA GLN B 9 -9.50 -1.43 30.47
C GLN B 9 -8.25 -1.56 29.63
N VAL B 10 -7.83 -2.81 29.46
CA VAL B 10 -6.66 -3.12 28.63
C VAL B 10 -7.12 -4.09 27.55
N TYR B 11 -6.84 -3.80 26.29
CA TYR B 11 -7.44 -4.56 25.19
C TYR B 11 -6.70 -4.19 23.93
N SER B 12 -6.86 -5.06 22.94
CA SER B 12 -6.24 -4.88 21.62
C SER B 12 -7.18 -4.11 20.69
N ARG B 13 -6.62 -3.36 19.73
CA ARG B 13 -7.44 -2.73 18.74
C ARG B 13 -8.20 -3.76 17.89
N HIS B 14 -7.50 -4.82 17.45
CA HIS B 14 -8.06 -5.88 16.61
C HIS B 14 -8.08 -7.22 17.36
N PRO B 15 -8.90 -8.18 16.90
CA PRO B 15 -8.80 -9.51 17.46
C PRO B 15 -7.36 -10.01 17.46
N ALA B 16 -6.91 -10.49 18.60
CA ALA B 16 -5.58 -11.00 18.74
C ALA B 16 -5.38 -12.22 17.86
N GLU B 17 -4.29 -12.22 17.12
CA GLU B 17 -3.82 -13.36 16.35
C GLU B 17 -2.29 -13.39 16.58
N ASN B 18 -1.78 -14.49 17.11
CA ASN B 18 -0.36 -14.56 17.48
C ASN B 18 0.54 -14.35 16.29
N GLY B 19 1.56 -13.51 16.48
CA GLY B 19 2.49 -13.18 15.40
C GLY B 19 1.97 -12.14 14.42
N LYS B 20 0.77 -11.62 14.66
CA LYS B 20 0.20 -10.60 13.79
C LYS B 20 0.22 -9.26 14.50
N SER B 21 0.60 -8.23 13.76
CA SER B 21 0.78 -6.92 14.33
C SER B 21 -0.57 -6.25 14.66
N ASN B 22 -0.59 -5.45 15.71
CA ASN B 22 -1.81 -5.01 16.31
C ASN B 22 -1.52 -3.75 17.15
N PHE B 23 -2.46 -3.32 17.97
CA PHE B 23 -2.25 -2.25 18.91
C PHE B 23 -2.80 -2.59 20.26
N LEU B 24 -2.02 -2.28 21.30
CA LEU B 24 -2.40 -2.52 22.67
C LEU B 24 -2.85 -1.22 23.28
N ASN B 25 -4.06 -1.23 23.83
CA ASN B 25 -4.63 -0.04 24.42
C ASN B 25 -4.84 -0.18 25.91
N CYS B 26 -4.61 0.90 26.63
CA CYS B 26 -5.03 1.02 28.01
C CYS B 26 -5.87 2.28 28.10
N TYR B 27 -7.16 2.10 28.36
CA TYR B 27 -8.07 3.19 28.48
C TYR B 27 -8.35 3.43 29.94
N VAL B 28 -8.08 4.65 30.39
CA VAL B 28 -8.31 5.05 31.74
C VAL B 28 -9.34 6.14 31.74
N SER B 29 -10.36 5.98 32.56
CA SER B 29 -11.45 6.90 32.51
C SER B 29 -12.09 7.07 33.88
N GLY B 30 -12.90 8.11 34.01
CA GLY B 30 -13.67 8.32 35.25
C GLY B 30 -12.87 8.84 36.41
N PHE B 31 -11.71 9.44 36.15
CA PHE B 31 -10.80 9.81 37.24
C PHE B 31 -10.72 11.29 37.51
N HIS B 32 -10.38 11.67 38.77
CA HIS B 32 -10.13 13.05 39.09
C HIS B 32 -9.29 13.09 40.36
N PRO B 33 -8.29 13.94 40.46
CA PRO B 33 -7.79 14.85 39.44
C PRO B 33 -7.05 14.22 38.23
N SER B 34 -6.52 15.06 37.32
CA SER B 34 -6.06 14.59 36.03
C SER B 34 -4.71 13.93 36.08
N ASP B 35 -3.90 14.30 37.05
CA ASP B 35 -2.58 13.72 37.30
C ASP B 35 -2.65 12.17 37.42
N ILE B 36 -1.98 11.48 36.52
CA ILE B 36 -2.08 10.04 36.50
C ILE B 36 -0.84 9.48 35.79
N GLU B 37 -0.35 8.34 36.27
CA GLU B 37 0.82 7.68 35.69
C GLU B 37 0.32 6.42 35.07
N VAL B 38 0.53 6.26 33.77
CA VAL B 38 0.17 5.06 33.08
C VAL B 38 1.38 4.50 32.31
N ASP B 39 1.67 3.22 32.49
CA ASP B 39 2.67 2.53 31.70
C ASP B 39 2.14 1.24 31.14
N LEU B 40 2.59 0.90 29.95
CA LEU B 40 2.26 -0.41 29.38
C LEU B 40 3.48 -1.29 29.59
N LEU B 41 3.21 -2.52 29.97
CA LEU B 41 4.27 -3.44 30.36
C LEU B 41 4.26 -4.66 29.47
N LYS B 42 5.46 -5.12 29.16
CA LYS B 42 5.70 -6.36 28.50
C LYS B 42 6.53 -7.17 29.45
N ASN B 43 6.00 -8.31 29.90
CA ASN B 43 6.66 -9.17 30.91
C ASN B 43 7.18 -8.37 32.10
N GLY B 44 6.36 -7.48 32.64
CA GLY B 44 6.74 -6.69 33.78
C GLY B 44 7.59 -5.45 33.51
N GLU B 45 8.02 -5.23 32.27
CA GLU B 45 8.94 -4.16 31.97
C GLU B 45 8.27 -3.07 31.11
N ARG B 46 8.60 -1.82 31.41
CA ARG B 46 7.99 -0.66 30.79
C ARG B 46 8.26 -0.64 29.28
N ILE B 47 7.22 -0.47 28.47
CA ILE B 47 7.40 -0.20 27.04
C ILE B 47 7.61 1.30 26.80
N GLU B 48 8.59 1.68 26.04
CA GLU B 48 8.94 3.09 25.92
C GLU B 48 8.24 3.77 24.76
N LYS B 49 7.83 3.06 23.74
CA LYS B 49 7.11 3.64 22.60
C LYS B 49 5.73 4.26 22.85
N VAL B 50 5.20 4.14 24.05
CA VAL B 50 3.79 4.39 24.28
C VAL B 50 3.36 5.82 23.97
N GLU B 51 2.24 5.97 23.27
CA GLU B 51 1.63 7.29 23.03
C GLU B 51 0.29 7.36 23.71
N HIS B 52 -0.24 8.55 23.79
CA HIS B 52 -1.53 8.75 24.39
C HIS B 52 -2.31 9.92 23.80
N SER B 53 -3.62 9.92 24.05
CA SER B 53 -4.52 10.89 23.55
C SER B 53 -4.42 12.20 24.36
N ASP B 54 -5.03 13.25 23.80
CA ASP B 54 -5.09 14.56 24.42
C ASP B 54 -6.08 14.45 25.61
N LEU B 55 -5.72 15.02 26.75
CA LEU B 55 -6.56 14.94 27.94
C LEU B 55 -7.90 15.58 27.67
N SER B 56 -8.94 14.83 27.95
CA SER B 56 -10.28 15.31 27.80
C SER B 56 -11.12 14.80 28.99
N PHE B 57 -12.39 15.15 29.02
CA PHE B 57 -13.23 14.76 30.13
C PHE B 57 -14.66 14.69 29.73
N SER B 58 -15.46 14.08 30.59
CA SER B 58 -16.89 13.80 30.36
C SER B 58 -17.80 14.83 31.02
N LYS B 59 -19.12 14.63 30.86
CA LYS B 59 -20.14 15.52 31.41
C LYS B 59 -20.06 15.71 32.92
N ASP B 60 -19.72 14.65 33.68
CA ASP B 60 -19.48 14.76 35.13
C ASP B 60 -18.08 15.33 35.51
N TRP B 61 -17.32 15.79 34.54
CA TRP B 61 -16.01 16.46 34.71
C TRP B 61 -14.85 15.49 34.85
N SER B 62 -15.14 14.18 34.79
CA SER B 62 -14.10 13.19 35.05
C SER B 62 -13.30 12.94 33.80
N PHE B 63 -12.00 12.78 33.98
CA PHE B 63 -11.06 12.72 32.84
C PHE B 63 -11.01 11.34 32.21
N TYR B 64 -10.57 11.29 30.95
CA TYR B 64 -10.25 10.04 30.30
C TYR B 64 -9.05 10.20 29.38
N LEU B 65 -8.25 9.13 29.24
CA LEU B 65 -7.07 9.08 28.38
C LEU B 65 -6.94 7.69 27.78
N LEU B 66 -6.46 7.65 26.55
CA LEU B 66 -6.10 6.38 25.90
C LEU B 66 -4.61 6.32 25.72
N TYR B 67 -3.98 5.27 26.26
CA TYR B 67 -2.55 4.98 26.05
C TYR B 67 -2.46 3.77 25.13
N TYR B 68 -1.50 3.78 24.22
CA TYR B 68 -1.45 2.75 23.21
C TYR B 68 -0.06 2.59 22.66
N THR B 69 0.21 1.39 22.19
CA THR B 69 1.44 1.09 21.47
C THR B 69 1.22 -0.03 20.46
N GLU B 70 2.04 -0.05 19.41
CA GLU B 70 2.11 -1.20 18.49
C GLU B 70 2.63 -2.38 19.28
N PHE B 71 2.14 -3.56 18.98
CA PHE B 71 2.65 -4.78 19.58
C PHE B 71 2.20 -6.02 18.79
N THR B 72 2.80 -7.12 19.12
CA THR B 72 2.57 -8.37 18.44
C THR B 72 2.29 -9.42 19.48
N PRO B 73 1.02 -9.78 19.62
CA PRO B 73 0.63 -10.79 20.56
C PRO B 73 1.32 -12.10 20.29
N THR B 74 1.46 -12.87 21.33
CA THR B 74 2.24 -14.07 21.28
C THR B 74 1.66 -15.04 22.32
N GLU B 75 1.99 -16.32 22.24
CA GLU B 75 1.50 -17.26 23.22
C GLU B 75 2.12 -17.05 24.61
N LYS B 76 3.41 -16.72 24.67
CA LYS B 76 4.16 -16.65 25.94
C LYS B 76 4.26 -15.28 26.60
N ASP B 77 4.12 -14.19 25.83
CA ASP B 77 4.37 -12.85 26.38
C ASP B 77 3.15 -12.29 27.10
N GLU B 78 3.40 -11.75 28.28
CA GLU B 78 2.39 -11.20 29.10
C GLU B 78 2.41 -9.67 28.96
N TYR B 79 1.28 -9.10 28.59
CA TYR B 79 1.16 -7.64 28.53
C TYR B 79 0.24 -7.15 29.63
N ALA B 80 0.47 -5.92 30.08
CA ALA B 80 -0.30 -5.35 31.15
C ALA B 80 -0.25 -3.81 31.13
N CYS B 81 -1.14 -3.20 31.89
CA CYS B 81 -1.19 -1.76 32.05
C CYS B 81 -0.96 -1.47 33.52
N ARG B 82 -0.01 -0.57 33.85
CA ARG B 82 0.18 -0.17 35.25
C ARG B 82 -0.26 1.27 35.49
N VAL B 83 -1.12 1.47 36.48
CA VAL B 83 -1.72 2.77 36.72
C VAL B 83 -1.49 3.24 38.13
N ASN B 84 -1.10 4.49 38.25
CA ASN B 84 -0.99 5.11 39.57
C ASN B 84 -1.71 6.47 39.55
N HIS B 85 -2.30 6.81 40.69
CA HIS B 85 -3.23 7.93 40.83
C HIS B 85 -3.41 8.19 42.31
N VAL B 86 -3.70 9.44 42.69
CA VAL B 86 -3.77 9.74 44.12
C VAL B 86 -4.78 8.85 44.91
N THR B 87 -5.78 8.30 44.24
CA THR B 87 -6.80 7.49 44.91
C THR B 87 -6.36 6.07 45.24
N LEU B 88 -5.21 5.64 44.75
CA LEU B 88 -4.70 4.30 44.98
C LEU B 88 -3.60 4.27 46.03
N SER B 89 -3.65 3.27 46.93
CA SER B 89 -2.61 3.06 47.92
C SER B 89 -1.29 2.68 47.28
N GLN B 90 -1.35 2.02 46.12
CA GLN B 90 -0.16 1.65 45.37
C GLN B 90 -0.57 1.36 43.96
N PRO B 91 0.41 1.33 43.05
CA PRO B 91 -0.04 1.18 41.66
C PRO B 91 -0.80 -0.12 41.42
N LYS B 92 -1.70 -0.02 40.47
CA LYS B 92 -2.62 -1.08 40.12
C LYS B 92 -2.12 -1.63 38.80
N ILE B 93 -2.04 -2.95 38.70
CA ILE B 93 -1.68 -3.60 37.45
C ILE B 93 -2.85 -4.41 36.92
N VAL B 94 -3.26 -4.11 35.69
CA VAL B 94 -4.33 -4.84 35.01
C VAL B 94 -3.74 -5.54 33.80
N LYS B 95 -3.84 -6.87 33.81
CA LYS B 95 -3.27 -7.69 32.77
C LYS B 95 -4.17 -7.72 31.57
N TRP B 96 -3.57 -7.79 30.39
CA TRP B 96 -4.31 -7.94 29.16
C TRP B 96 -4.79 -9.38 29.05
N ASP B 97 -6.08 -9.53 28.85
CA ASP B 97 -6.68 -10.81 28.61
C ASP B 97 -7.32 -10.67 27.23
N ARG B 98 -6.88 -11.45 26.27
CA ARG B 98 -7.38 -11.29 24.91
C ARG B 98 -8.89 -11.56 24.76
N ASP B 99 -9.51 -12.22 25.75
CA ASP B 99 -10.93 -12.44 25.75
C ASP B 99 -11.77 -11.35 26.47
N MET B 100 -11.17 -10.18 26.69
CA MET B 100 -11.86 -9.06 27.37
C MET B 100 -11.54 -7.67 26.79
N LEU C 1 -15.34 26.83 16.74
CA LEU C 1 -14.63 28.09 16.93
C LEU C 1 -14.58 28.30 18.44
N TYR C 2 -13.40 28.12 19.04
CA TYR C 2 -13.14 28.46 20.39
C TYR C 2 -13.38 29.96 20.58
N LEU C 3 -14.00 30.30 21.71
CA LEU C 3 -14.23 31.66 22.12
C LEU C 3 -13.77 31.85 23.57
N VAL C 4 -13.03 32.94 23.77
CA VAL C 4 -12.35 33.27 25.01
C VAL C 4 -13.17 34.08 26.01
N CYS C 5 -13.15 33.60 27.27
CA CYS C 5 -13.40 34.45 28.47
C CYS C 5 -12.16 35.32 28.75
N GLY C 6 -12.14 36.55 28.23
CA GLY C 6 -10.89 37.32 28.04
C GLY C 6 -10.47 38.41 29.01
N GLU C 7 -11.37 38.83 29.90
CA GLU C 7 -10.98 39.62 31.10
C GLU C 7 -12.18 39.82 32.04
N ARG C 8 -12.91 38.73 32.23
CA ARG C 8 -14.01 38.64 33.16
C ARG C 8 -13.52 38.16 34.53
N GLY C 9 -14.28 37.25 35.15
CA GLY C 9 -14.38 37.19 36.61
C GLY C 9 -13.70 36.09 37.40
N PHE C 10 -14.11 36.01 38.66
CA PHE C 10 -13.60 35.16 39.77
C PHE C 10 -13.35 33.65 39.38
N MET D 1 -15.67 20.49 -33.45
CA MET D 1 -16.92 20.88 -32.75
C MET D 1 -17.15 20.16 -31.45
N GLY D 2 -17.42 20.94 -30.43
CA GLY D 2 -17.92 20.45 -29.13
C GLY D 2 -17.44 21.57 -28.28
N PRO D 3 -17.49 21.42 -26.96
CA PRO D 3 -16.86 22.45 -26.17
C PRO D 3 -15.33 22.60 -26.46
N HIS D 4 -14.79 23.76 -26.18
CA HIS D 4 -13.36 24.00 -26.24
C HIS D 4 -12.99 24.88 -25.08
N SER D 5 -11.72 24.91 -24.71
CA SER D 5 -11.28 25.77 -23.63
C SER D 5 -9.89 26.28 -23.87
N LEU D 6 -9.65 27.49 -23.39
CA LEU D 6 -8.36 28.13 -23.34
C LEU D 6 -8.06 28.41 -21.87
N ARG D 7 -7.00 27.84 -21.35
CA ARG D 7 -6.70 27.90 -19.93
C ARG D 7 -5.25 28.23 -19.69
N TYR D 8 -4.98 29.09 -18.71
CA TYR D 8 -3.62 29.38 -18.26
C TYR D 8 -3.51 28.93 -16.81
N PHE D 9 -2.43 28.20 -16.51
CA PHE D 9 -2.14 27.76 -15.13
C PHE D 9 -0.85 28.41 -14.69
N VAL D 10 -0.92 29.23 -13.65
CA VAL D 10 0.18 30.02 -13.21
C VAL D 10 0.58 29.71 -11.78
N THR D 11 1.88 29.53 -11.58
CA THR D 11 2.40 29.08 -10.29
C THR D 11 3.60 29.95 -9.93
N ALA D 12 3.57 30.53 -8.71
CA ALA D 12 4.74 31.20 -8.16
C ALA D 12 5.10 30.59 -6.83
N VAL D 13 6.36 30.26 -6.64
CA VAL D 13 6.76 29.62 -5.39
C VAL D 13 7.94 30.40 -4.81
N SER D 14 7.87 30.83 -3.56
CA SER D 14 8.99 31.49 -2.90
C SER D 14 10.03 30.43 -2.48
N ARG D 15 11.26 30.84 -2.42
CA ARG D 15 12.35 29.87 -2.22
C ARG D 15 13.40 30.47 -1.30
N PRO D 16 13.19 30.37 0.00
CA PRO D 16 14.14 30.93 0.98
C PRO D 16 15.59 30.67 0.66
N GLY D 17 16.37 31.75 0.67
CA GLY D 17 17.82 31.66 0.48
C GLY D 17 18.26 31.52 -0.95
N LEU D 18 17.31 31.55 -1.85
CA LEU D 18 17.62 31.29 -3.25
C LEU D 18 17.24 32.51 -4.16
N GLY D 19 16.81 33.62 -3.57
CA GLY D 19 16.48 34.80 -4.33
C GLY D 19 15.05 34.81 -4.78
N GLU D 20 14.87 35.17 -6.03
CA GLU D 20 13.53 35.38 -6.52
C GLU D 20 12.67 34.09 -6.56
N PRO D 21 11.36 34.25 -6.43
CA PRO D 21 10.46 33.13 -6.60
C PRO D 21 10.50 32.52 -7.97
N ARG D 22 10.20 31.24 -8.02
CA ARG D 22 10.06 30.55 -9.28
C ARG D 22 8.69 30.96 -9.79
N PHE D 23 8.62 31.41 -11.03
CA PHE D 23 7.35 31.80 -11.64
C PHE D 23 7.20 31.05 -12.94
N ILE D 24 6.11 30.29 -13.05
CA ILE D 24 5.85 29.50 -14.24
C ILE D 24 4.46 29.70 -14.71
N ALA D 25 4.31 30.00 -15.99
CA ALA D 25 2.99 30.09 -16.60
C ALA D 25 2.91 29.16 -17.76
N VAL D 26 1.79 28.50 -17.86
CA VAL D 26 1.59 27.50 -18.87
C VAL D 26 0.18 27.66 -19.48
N GLY D 27 0.08 27.62 -20.81
CA GLY D 27 -1.19 27.72 -21.47
C GLY D 27 -1.58 26.44 -22.18
N TYR D 28 -2.86 26.09 -22.06
CA TYR D 28 -3.44 25.00 -22.79
C TYR D 28 -4.61 25.42 -23.67
N VAL D 29 -4.72 24.82 -24.84
CA VAL D 29 -5.97 24.72 -25.56
C VAL D 29 -6.52 23.32 -25.51
N ASP D 30 -7.72 23.16 -24.94
CA ASP D 30 -8.28 21.83 -24.68
C ASP D 30 -7.21 21.03 -23.90
N ASP D 31 -6.85 19.83 -24.37
CA ASP D 31 -5.88 19.00 -23.64
C ASP D 31 -4.39 19.14 -24.11
N THR D 32 -4.08 20.17 -24.91
CA THR D 32 -2.77 20.33 -25.54
C THR D 32 -2.08 21.61 -25.02
N GLN D 33 -0.90 21.47 -24.42
CA GLN D 33 -0.16 22.63 -23.97
C GLN D 33 0.31 23.35 -25.19
N PHE D 34 0.24 24.67 -25.20
CA PHE D 34 0.75 25.40 -26.38
C PHE D 34 1.79 26.52 -26.13
N VAL D 35 1.85 27.04 -24.89
CA VAL D 35 2.84 28.04 -24.53
C VAL D 35 3.37 27.85 -23.12
N ARG D 36 4.51 28.50 -22.85
CA ARG D 36 4.98 28.68 -21.50
C ARG D 36 5.85 29.94 -21.27
N PHE D 37 5.91 30.34 -20.00
CA PHE D 37 6.89 31.27 -19.52
C PHE D 37 7.47 30.71 -18.25
N ASP D 38 8.78 30.75 -18.11
CA ASP D 38 9.47 30.19 -16.95
C ASP D 38 10.58 31.13 -16.52
N SER D 39 10.45 31.70 -15.33
CA SER D 39 11.41 32.68 -14.78
C SER D 39 12.83 32.13 -14.64
N ASP D 40 12.97 30.82 -14.57
CA ASP D 40 14.28 30.18 -14.40
C ASP D 40 15.07 29.91 -15.69
N ALA D 41 14.51 30.13 -16.85
CA ALA D 41 15.29 30.18 -18.08
C ALA D 41 16.37 31.28 -18.04
N ASP D 42 17.47 31.07 -18.77
CA ASP D 42 18.41 32.15 -19.05
C ASP D 42 17.69 32.91 -20.14
N ASN D 43 17.49 34.20 -19.90
CA ASN D 43 16.64 35.06 -20.76
C ASN D 43 15.12 34.68 -20.86
N PRO D 44 14.39 34.82 -19.74
CA PRO D 44 13.00 34.41 -19.68
C PRO D 44 12.11 35.11 -20.71
N ARG D 45 11.53 34.31 -21.61
CA ARG D 45 10.56 34.73 -22.61
C ARG D 45 9.33 33.87 -22.62
N PHE D 46 8.22 34.47 -23.01
CA PHE D 46 7.03 33.72 -23.30
C PHE D 46 7.40 32.97 -24.55
N GLU D 47 7.06 31.69 -24.63
CA GLU D 47 7.53 30.91 -25.79
C GLU D 47 6.62 29.75 -26.21
N PRO D 48 6.72 29.31 -27.45
CA PRO D 48 5.86 28.24 -27.93
C PRO D 48 6.28 26.90 -27.40
N ARG D 49 5.28 26.08 -27.13
CA ARG D 49 5.46 24.69 -26.76
C ARG D 49 4.71 23.73 -27.64
N ALA D 50 4.27 24.20 -28.80
CA ALA D 50 3.70 23.38 -29.86
C ALA D 50 4.25 23.91 -31.16
N PRO D 51 4.62 23.04 -32.10
CA PRO D 51 5.21 23.58 -33.34
C PRO D 51 4.27 24.50 -34.12
N TRP D 52 2.96 24.29 -34.03
CA TRP D 52 2.01 25.18 -34.71
C TRP D 52 1.94 26.60 -34.16
N MET D 53 2.42 26.85 -32.94
CA MET D 53 2.46 28.21 -32.44
C MET D 53 3.61 29.01 -33.03
N GLU D 54 4.50 28.38 -33.76
CA GLU D 54 5.56 29.18 -34.42
C GLU D 54 5.03 30.12 -35.49
N GLN D 55 3.76 30.01 -35.85
CA GLN D 55 3.13 30.93 -36.80
C GLN D 55 2.86 32.35 -36.26
N GLU D 56 2.79 32.53 -34.94
CA GLU D 56 2.71 33.85 -34.36
C GLU D 56 4.08 34.57 -34.50
N GLY D 57 4.05 35.82 -34.91
CA GLY D 57 5.25 36.62 -35.09
C GLY D 57 5.81 37.22 -33.82
N PRO D 58 6.94 37.92 -33.96
CA PRO D 58 7.66 38.49 -32.84
C PRO D 58 6.86 39.40 -31.92
N GLU D 59 5.96 40.17 -32.50
CA GLU D 59 5.15 41.07 -31.74
C GLU D 59 4.31 40.34 -30.67
N TYR D 60 3.73 39.20 -31.04
CA TYR D 60 2.95 38.43 -30.10
C TYR D 60 3.84 37.98 -28.96
N TRP D 61 5.04 37.49 -29.30
CA TRP D 61 5.94 36.97 -28.24
C TRP D 61 6.42 38.09 -27.31
N GLU D 62 6.69 39.26 -27.86
CA GLU D 62 7.09 40.40 -27.07
C GLU D 62 5.97 40.89 -26.15
N GLU D 63 4.78 41.08 -26.71
CA GLU D 63 3.66 41.53 -25.93
C GLU D 63 3.36 40.54 -24.79
N GLN D 64 3.38 39.25 -25.10
CA GLN D 64 3.03 38.22 -24.07
C GLN D 64 4.11 38.10 -22.98
N THR D 65 5.36 38.31 -23.39
CA THR D 65 6.48 38.34 -22.44
C THR D 65 6.29 39.48 -21.45
N GLN D 66 5.97 40.66 -21.95
CA GLN D 66 5.75 41.81 -21.08
C GLN D 66 4.61 41.55 -20.11
N ARG D 67 3.55 40.88 -20.55
CA ARG D 67 2.42 40.61 -19.70
C ARG D 67 2.83 39.54 -18.66
N ALA D 68 3.69 38.60 -19.06
CA ALA D 68 4.12 37.58 -18.10
C ALA D 68 4.99 38.24 -17.02
N LYS D 69 5.90 39.11 -17.44
CA LYS D 69 6.79 39.79 -16.50
C LYS D 69 6.06 40.68 -15.51
N SER D 70 4.99 41.31 -15.96
CA SER D 70 4.24 42.20 -15.11
C SER D 70 3.50 41.36 -14.05
N ASP D 71 2.89 40.25 -14.48
CA ASP D 71 2.35 39.30 -13.53
C ASP D 71 3.42 38.71 -12.57
N GLU D 72 4.59 38.36 -13.07
CA GLU D 72 5.64 37.84 -12.20
C GLU D 72 5.90 38.81 -11.03
N GLN D 73 6.07 40.09 -11.35
CA GLN D 73 6.34 41.08 -10.33
C GLN D 73 5.16 41.17 -9.33
N TRP D 74 3.95 41.09 -9.82
CA TRP D 74 2.81 41.13 -8.97
C TRP D 74 2.73 39.90 -8.03
N PHE D 75 3.06 38.71 -8.51
CA PHE D 75 3.11 37.55 -7.61
C PHE D 75 4.25 37.61 -6.60
N ARG D 76 5.38 38.19 -6.99
CA ARG D 76 6.48 38.30 -6.04
C ARG D 76 6.10 39.20 -4.86
N VAL D 77 5.49 40.34 -5.17
CA VAL D 77 4.98 41.24 -4.15
C VAL D 77 3.91 40.59 -3.30
N SER D 78 2.98 39.92 -3.91
CA SER D 78 1.89 39.30 -3.15
C SER D 78 2.37 38.19 -2.22
N LEU D 79 3.36 37.41 -2.66
CA LEU D 79 3.96 36.43 -1.75
C LEU D 79 4.58 37.12 -0.53
N ARG D 80 5.28 38.22 -0.73
CA ARG D 80 5.87 38.91 0.40
C ARG D 80 4.84 39.51 1.35
N THR D 81 3.78 40.06 0.77
CA THR D 81 2.70 40.63 1.55
C THR D 81 1.96 39.56 2.33
N ALA D 82 1.67 38.41 1.73
CA ALA D 82 0.91 37.39 2.43
C ALA D 82 1.64 36.87 3.65
N GLN D 83 2.93 36.66 3.48
CA GLN D 83 3.80 36.16 4.49
C GLN D 83 3.84 37.09 5.67
N ARG D 84 3.83 38.39 5.42
CA ARG D 84 3.78 39.33 6.51
C ARG D 84 2.41 39.31 7.16
N TYR D 85 1.35 39.42 6.37
CA TYR D 85 -0.03 39.48 6.87
C TYR D 85 -0.47 38.27 7.68
N TYR D 86 -0.11 37.06 7.25
CA TYR D 86 -0.51 35.88 7.99
C TYR D 86 0.45 35.53 9.13
N ASN D 87 1.51 36.33 9.32
CA ASN D 87 2.43 36.15 10.44
C ASN D 87 3.10 34.77 10.42
N GLN D 88 3.57 34.43 9.24
CA GLN D 88 4.27 33.19 9.00
C GLN D 88 5.75 33.46 9.33
N SER D 89 6.01 33.59 10.62
CA SER D 89 7.29 34.06 11.12
C SER D 89 8.42 33.02 11.01
N LYS D 90 8.08 31.78 10.66
CA LYS D 90 9.06 30.74 10.45
C LYS D 90 9.47 30.70 9.00
N GLY D 91 8.91 31.61 8.19
CA GLY D 91 9.37 31.81 6.86
C GLY D 91 8.93 30.66 5.98
N GLY D 92 9.85 30.18 5.18
CA GLY D 92 9.57 29.04 4.36
C GLY D 92 9.06 29.39 2.97
N SER D 93 8.83 28.33 2.21
CA SER D 93 8.41 28.41 0.84
C SER D 93 6.91 28.47 0.84
N HIS D 94 6.33 29.38 0.07
CA HIS D 94 4.90 29.44 -0.04
C HIS D 94 4.53 29.53 -1.51
N THR D 95 3.27 29.25 -1.80
CA THR D 95 2.81 29.12 -3.17
C THR D 95 1.60 29.96 -3.45
N PHE D 96 1.67 30.75 -4.52
CA PHE D 96 0.51 31.37 -5.10
C PHE D 96 0.20 30.75 -6.44
N GLN D 97 -1.02 30.38 -6.66
CA GLN D 97 -1.45 29.90 -7.99
C GLN D 97 -2.57 30.74 -8.56
N ARG D 98 -2.56 30.89 -9.88
CA ARG D 98 -3.67 31.54 -10.57
C ARG D 98 -4.12 30.67 -11.77
N MET D 99 -5.42 30.52 -11.91
CA MET D 99 -5.99 29.83 -13.07
C MET D 99 -6.93 30.81 -13.73
N PHE D 100 -6.78 30.98 -15.03
CA PHE D 100 -7.72 31.75 -15.74
C PHE D 100 -7.93 31.27 -17.14
N GLY D 101 -9.04 31.70 -17.71
CA GLY D 101 -9.41 31.29 -19.06
C GLY D 101 -10.90 31.12 -19.28
N CYS D 102 -11.22 30.50 -20.41
CA CYS D 102 -12.57 30.41 -20.87
C CYS D 102 -12.91 29.03 -21.37
N ASP D 103 -14.07 28.53 -20.95
CA ASP D 103 -14.75 27.37 -21.57
C ASP D 103 -15.87 27.87 -22.46
N VAL D 104 -15.88 27.44 -23.71
CA VAL D 104 -16.95 27.78 -24.61
C VAL D 104 -17.71 26.56 -25.02
N GLY D 105 -19.00 26.75 -25.30
CA GLY D 105 -19.86 25.70 -25.77
C GLY D 105 -19.67 25.47 -27.26
N SER D 106 -20.37 24.48 -27.77
CA SER D 106 -20.33 24.12 -29.20
C SER D 106 -20.95 25.24 -30.06
N ASP D 107 -21.81 26.05 -29.47
CA ASP D 107 -22.27 27.27 -30.10
C ASP D 107 -21.44 28.55 -29.80
N TRP D 108 -20.30 28.39 -29.15
CA TRP D 108 -19.35 29.46 -28.86
C TRP D 108 -19.77 30.44 -27.80
N ARG D 109 -20.79 30.11 -27.05
CA ARG D 109 -21.17 30.95 -25.93
C ARG D 109 -20.12 30.72 -24.82
N LEU D 110 -19.93 31.71 -23.97
CA LEU D 110 -19.00 31.53 -22.89
C LEU D 110 -19.71 30.75 -21.79
N LEU D 111 -19.37 29.50 -21.62
CA LEU D 111 -19.97 28.67 -20.54
C LEU D 111 -19.48 29.12 -19.21
N ARG D 112 -18.18 29.35 -19.09
CA ARG D 112 -17.59 29.77 -17.84
C ARG D 112 -16.32 30.54 -18.13
N GLY D 113 -16.16 31.70 -17.53
CA GLY D 113 -14.91 32.45 -17.53
C GLY D 113 -14.24 32.30 -16.15
N TYR D 114 -12.95 32.05 -16.13
CA TYR D 114 -12.23 31.78 -14.86
C TYR D 114 -11.18 32.83 -14.59
N HIS D 115 -11.13 33.26 -13.33
CA HIS D 115 -10.08 34.13 -12.84
C HIS D 115 -10.04 33.95 -11.32
N GLN D 116 -9.07 33.15 -10.88
CA GLN D 116 -9.16 32.42 -9.65
C GLN D 116 -7.77 32.23 -9.04
N PHE D 117 -7.64 32.28 -7.72
CA PHE D 117 -6.34 32.23 -7.03
C PHE D 117 -6.35 31.34 -5.79
N ALA D 118 -5.23 30.69 -5.53
CA ALA D 118 -5.05 29.86 -4.35
C ALA D 118 -3.69 30.21 -3.68
N TYR D 119 -3.67 30.20 -2.36
CA TYR D 119 -2.47 30.41 -1.58
C TYR D 119 -2.22 29.17 -0.75
N ASP D 120 -1.01 28.65 -0.85
CA ASP D 120 -0.63 27.38 -0.20
C ASP D 120 -1.62 26.25 -0.41
N GLY D 121 -2.19 26.20 -1.61
CA GLY D 121 -3.14 25.13 -1.99
C GLY D 121 -4.57 25.36 -1.53
N ARG D 122 -4.88 26.53 -0.99
CA ARG D 122 -6.20 26.79 -0.54
C ARG D 122 -6.77 27.92 -1.33
N ASP D 123 -8.04 27.80 -1.64
CA ASP D 123 -8.74 28.92 -2.29
C ASP D 123 -8.50 30.23 -1.56
N TYR D 124 -8.17 31.26 -2.32
CA TYR D 124 -7.97 32.57 -1.77
C TYR D 124 -9.04 33.54 -2.24
N ILE D 125 -9.13 33.78 -3.55
CA ILE D 125 -10.23 34.58 -4.11
C ILE D 125 -10.53 34.14 -5.52
N ALA D 126 -11.80 34.19 -5.88
CA ALA D 126 -12.26 33.73 -7.21
C ALA D 126 -13.35 34.64 -7.75
N LEU D 127 -13.21 34.93 -9.02
CA LEU D 127 -14.25 35.65 -9.75
C LEU D 127 -15.41 34.70 -9.97
N ASN D 128 -16.60 35.11 -9.55
CA ASN D 128 -17.76 34.22 -9.64
C ASN D 128 -18.21 34.05 -11.09
N GLU D 129 -19.13 33.13 -11.29
CA GLU D 129 -19.63 32.84 -12.63
C GLU D 129 -20.30 34.05 -13.31
N ASP D 130 -20.98 34.90 -12.53
CA ASP D 130 -21.57 36.15 -13.04
C ASP D 130 -20.52 37.13 -13.61
N LEU D 131 -19.23 36.88 -13.38
CA LEU D 131 -18.16 37.77 -13.79
C LEU D 131 -18.34 39.21 -13.28
N LYS D 132 -18.98 39.36 -12.13
CA LYS D 132 -19.24 40.62 -11.50
C LYS D 132 -18.80 40.68 -10.04
N THR D 133 -18.87 39.57 -9.31
CA THR D 133 -18.58 39.54 -7.89
C THR D 133 -17.56 38.44 -7.57
N TRP D 134 -17.03 38.50 -6.34
CA TRP D 134 -15.94 37.67 -5.95
C TRP D 134 -16.32 36.85 -4.75
N THR D 135 -15.73 35.66 -4.68
CA THR D 135 -15.80 34.81 -3.52
C THR D 135 -14.42 34.86 -2.82
N ALA D 136 -14.38 35.37 -1.57
CA ALA D 136 -13.15 35.50 -0.82
C ALA D 136 -13.14 34.48 0.31
N ALA D 137 -11.99 33.84 0.56
CA ALA D 137 -11.96 32.77 1.54
C ALA D 137 -11.73 33.24 2.99
N ASP D 138 -11.07 34.37 3.23
CA ASP D 138 -10.73 34.80 4.61
C ASP D 138 -10.57 36.30 4.59
N THR D 139 -10.14 36.91 5.68
CA THR D 139 -10.17 38.35 5.75
C THR D 139 -9.07 39.00 4.87
N ALA D 140 -7.95 38.33 4.63
CA ALA D 140 -6.97 38.87 3.68
C ALA D 140 -7.60 39.03 2.30
N ALA D 141 -8.32 37.98 1.90
CA ALA D 141 -8.99 37.99 0.66
C ALA D 141 -10.13 39.03 0.63
N LEU D 142 -10.78 39.36 1.76
CA LEU D 142 -11.70 40.45 1.79
C LEU D 142 -11.02 41.76 1.49
N ILE D 143 -9.78 41.91 1.95
CA ILE D 143 -9.03 43.14 1.75
C ILE D 143 -8.69 43.23 0.27
N THR D 144 -8.20 42.14 -0.30
CA THR D 144 -7.95 42.14 -1.73
C THR D 144 -9.23 42.34 -2.57
N ARG D 145 -10.34 41.77 -2.12
CA ARG D 145 -11.58 42.03 -2.76
C ARG D 145 -11.96 43.52 -2.84
N ARG D 146 -11.82 44.23 -1.72
CA ARG D 146 -12.08 45.63 -1.67
C ARG D 146 -11.24 46.43 -2.66
N LYS D 147 -9.95 46.19 -2.66
CA LYS D 147 -9.07 46.84 -3.64
C LYS D 147 -9.52 46.53 -5.08
N TRP D 148 -9.83 45.28 -5.36
CA TRP D 148 -10.28 44.87 -6.67
C TRP D 148 -11.61 45.49 -7.10
N GLU D 149 -12.54 45.68 -6.17
CA GLU D 149 -13.75 46.43 -6.45
C GLU D 149 -13.44 47.89 -6.77
N GLN D 150 -12.56 48.48 -6.00
CA GLN D 150 -12.08 49.86 -6.21
C GLN D 150 -11.47 50.07 -7.59
N ALA D 151 -10.66 49.11 -8.04
CA ALA D 151 -9.95 49.19 -9.33
C ALA D 151 -10.78 48.73 -10.57
N GLY D 152 -11.97 48.15 -10.33
CA GLY D 152 -12.81 47.64 -11.38
C GLY D 152 -12.28 46.37 -12.03
N ASP D 153 -11.51 45.57 -11.32
CA ASP D 153 -10.88 44.40 -11.95
C ASP D 153 -11.91 43.40 -12.52
N ALA D 154 -13.06 43.23 -11.87
CA ALA D 154 -14.05 42.27 -12.35
C ALA D 154 -14.52 42.67 -13.75
N GLU D 155 -14.72 43.96 -13.97
CA GLU D 155 -15.17 44.49 -15.24
C GLU D 155 -14.08 44.30 -16.31
N TYR D 156 -12.83 44.47 -15.94
CA TYR D 156 -11.75 44.36 -16.87
C TYR D 156 -11.62 42.90 -17.26
N TYR D 157 -11.60 42.02 -16.29
CA TYR D 157 -11.48 40.60 -16.60
C TYR D 157 -12.73 40.06 -17.27
N ARG D 158 -13.89 40.61 -16.99
CA ARG D 158 -15.07 40.21 -17.73
C ARG D 158 -14.95 40.54 -19.22
N ALA D 159 -14.54 41.77 -19.54
CA ALA D 159 -14.36 42.16 -20.93
C ALA D 159 -13.34 41.22 -21.62
N TYR D 160 -12.28 40.83 -20.95
CA TYR D 160 -11.31 39.96 -21.56
C TYR D 160 -11.91 38.56 -21.74
N LEU D 161 -12.57 38.04 -20.72
CA LEU D 161 -13.09 36.71 -20.79
C LEU D 161 -14.19 36.55 -21.82
N GLU D 162 -15.01 37.56 -22.00
CA GLU D 162 -16.07 37.46 -22.99
C GLU D 162 -15.62 37.79 -24.39
N GLY D 163 -14.48 38.46 -24.53
CA GLY D 163 -14.03 39.04 -25.81
C GLY D 163 -12.74 38.39 -26.23
N GLU D 164 -11.60 38.99 -25.87
CA GLU D 164 -10.31 38.53 -26.32
C GLU D 164 -10.09 37.04 -26.03
N CYS D 165 -10.55 36.55 -24.91
CA CYS D 165 -10.29 35.15 -24.56
C CYS D 165 -10.85 34.24 -25.64
N VAL D 166 -12.09 34.49 -26.00
CA VAL D 166 -12.80 33.69 -26.97
C VAL D 166 -12.21 33.88 -28.38
N GLU D 167 -11.88 35.13 -28.75
CA GLU D 167 -11.29 35.45 -30.04
C GLU D 167 -9.97 34.70 -30.21
N TRP D 168 -9.16 34.68 -29.17
CA TRP D 168 -7.83 34.07 -29.28
C TRP D 168 -7.96 32.55 -29.30
N LEU D 169 -8.95 32.02 -28.60
CA LEU D 169 -9.22 30.57 -28.63
C LEU D 169 -9.48 30.15 -30.07
N ARG D 170 -10.33 30.89 -30.74
CA ARG D 170 -10.66 30.61 -32.13
C ARG D 170 -9.48 30.66 -33.02
N ARG D 171 -8.67 31.66 -32.81
CA ARG D 171 -7.48 31.80 -33.60
C ARG D 171 -6.56 30.59 -33.35
N TYR D 172 -6.36 30.20 -32.10
CA TYR D 172 -5.45 29.10 -31.83
C TYR D 172 -5.99 27.83 -32.45
N LEU D 173 -7.30 27.60 -32.38
CA LEU D 173 -7.89 26.41 -32.99
C LEU D 173 -7.69 26.36 -34.48
N GLU D 174 -7.75 27.51 -35.15
CA GLU D 174 -7.40 27.60 -36.55
C GLU D 174 -5.89 27.31 -36.78
N LEU D 175 -5.00 27.97 -36.06
CA LEU D 175 -3.56 27.79 -36.27
C LEU D 175 -3.12 26.34 -36.02
N GLY D 176 -3.71 25.71 -35.02
CA GLY D 176 -3.33 24.38 -34.67
C GLY D 176 -4.33 23.33 -35.16
N ASN D 177 -5.17 23.65 -36.14
CA ASN D 177 -6.31 22.79 -36.39
C ASN D 177 -5.97 21.32 -36.76
N GLU D 178 -4.90 21.10 -37.52
CA GLU D 178 -4.48 19.73 -37.86
C GLU D 178 -4.35 18.90 -36.59
N THR D 179 -3.85 19.47 -35.51
CA THR D 179 -3.63 18.73 -34.28
C THR D 179 -4.77 18.88 -33.24
N LEU D 180 -5.26 20.09 -33.05
CA LEU D 180 -6.32 20.33 -32.10
C LEU D 180 -7.69 19.83 -32.51
N LEU D 181 -8.04 19.90 -33.79
CA LEU D 181 -9.36 19.42 -34.23
C LEU D 181 -9.39 17.97 -34.72
N ARG D 182 -8.32 17.22 -34.51
CA ARG D 182 -8.33 15.83 -34.84
C ARG D 182 -9.05 15.03 -33.75
N THR D 183 -9.45 13.83 -34.08
CA THR D 183 -9.90 12.95 -33.07
C THR D 183 -9.23 11.61 -33.36
N ASP D 184 -8.38 11.16 -32.41
CA ASP D 184 -7.66 9.90 -32.52
C ASP D 184 -8.41 8.86 -31.68
N SER D 185 -8.90 7.84 -32.37
CA SER D 185 -9.67 6.81 -31.73
C SER D 185 -8.74 5.94 -30.91
N PRO D 186 -9.20 5.51 -29.75
CA PRO D 186 -8.41 4.61 -28.93
C PRO D 186 -8.29 3.26 -29.60
N LYS D 187 -7.08 2.70 -29.49
CA LYS D 187 -6.76 1.32 -29.82
C LYS D 187 -6.92 0.60 -28.49
N ALA D 188 -7.79 -0.38 -28.43
CA ALA D 188 -8.06 -1.03 -27.14
C ALA D 188 -7.78 -2.53 -27.18
N HIS D 189 -7.43 -3.09 -26.04
CA HIS D 189 -7.29 -4.53 -25.93
C HIS D 189 -7.37 -4.94 -24.44
N VAL D 190 -7.61 -6.22 -24.21
CA VAL D 190 -7.75 -6.78 -22.86
C VAL D 190 -6.58 -7.69 -22.52
N THR D 191 -5.99 -7.51 -21.33
CA THR D 191 -4.95 -8.41 -20.81
C THR D 191 -5.42 -9.10 -19.55
N TYR D 192 -4.74 -10.21 -19.24
CA TYR D 192 -5.18 -11.18 -18.24
C TYR D 192 -4.07 -11.33 -17.20
N HIS D 193 -4.42 -11.29 -15.90
CA HIS D 193 -3.42 -11.27 -14.84
C HIS D 193 -3.84 -12.17 -13.73
N PRO D 194 -3.07 -13.22 -13.48
CA PRO D 194 -3.42 -14.18 -12.42
C PRO D 194 -3.52 -13.47 -11.06
N ARG D 195 -4.41 -13.93 -10.20
CA ARG D 195 -4.49 -13.44 -8.82
C ARG D 195 -4.53 -14.53 -7.74
N SER D 196 -5.43 -15.50 -7.86
CA SER D 196 -5.51 -16.57 -6.87
C SER D 196 -6.07 -17.82 -7.52
N GLN D 197 -6.35 -18.85 -6.75
CA GLN D 197 -6.96 -20.04 -7.30
C GLN D 197 -8.32 -19.72 -7.79
N VAL D 198 -9.00 -18.79 -7.18
CA VAL D 198 -10.42 -18.59 -7.48
C VAL D 198 -10.67 -17.42 -8.41
N ASP D 199 -9.72 -16.51 -8.58
CA ASP D 199 -9.96 -15.34 -9.43
C ASP D 199 -8.72 -14.78 -10.13
N VAL D 200 -8.99 -13.87 -11.06
CA VAL D 200 -7.98 -13.19 -11.84
C VAL D 200 -8.40 -11.77 -12.08
N THR D 201 -7.48 -11.00 -12.63
CA THR D 201 -7.72 -9.62 -13.01
C THR D 201 -7.71 -9.47 -14.52
N LEU D 202 -8.77 -8.85 -15.06
CA LEU D 202 -8.81 -8.54 -16.50
C LEU D 202 -8.58 -7.06 -16.57
N ARG D 203 -7.72 -6.61 -17.46
CA ARG D 203 -7.44 -5.22 -17.58
C ARG D 203 -7.71 -4.78 -19.01
N CYS D 204 -8.50 -3.74 -19.11
CA CYS D 204 -8.85 -3.15 -20.38
C CYS D 204 -8.06 -1.88 -20.60
N TRP D 205 -7.37 -1.83 -21.73
CA TRP D 205 -6.48 -0.74 -22.06
C TRP D 205 -7.05 0.08 -23.21
N ALA D 206 -6.94 1.39 -23.13
CA ALA D 206 -7.18 2.29 -24.24
C ALA D 206 -5.93 3.11 -24.45
N LEU D 207 -5.41 3.08 -25.66
CA LEU D 207 -4.12 3.66 -25.99
C LEU D 207 -4.24 4.55 -27.20
N GLY D 208 -3.43 5.59 -27.25
CA GLY D 208 -3.32 6.43 -28.45
C GLY D 208 -4.48 7.38 -28.76
N PHE D 209 -5.22 7.82 -27.73
CA PHE D 209 -6.44 8.61 -28.01
C PHE D 209 -6.33 10.10 -27.75
N TYR D 210 -7.19 10.85 -28.44
CA TYR D 210 -7.27 12.31 -28.30
C TYR D 210 -8.65 12.70 -28.77
N PRO D 211 -9.41 13.51 -28.03
CA PRO D 211 -9.04 14.14 -26.78
C PRO D 211 -9.03 13.18 -25.58
N ALA D 212 -8.74 13.70 -24.39
CA ALA D 212 -8.50 12.86 -23.22
C ALA D 212 -9.79 12.29 -22.65
N ASP D 213 -10.91 12.99 -22.79
CA ASP D 213 -12.16 12.50 -22.28
C ASP D 213 -12.45 11.09 -22.85
N ILE D 214 -12.67 10.14 -21.96
CA ILE D 214 -12.97 8.79 -22.34
C ILE D 214 -13.69 8.10 -21.20
N THR D 215 -14.50 7.09 -21.55
CA THR D 215 -15.13 6.22 -20.56
C THR D 215 -14.84 4.75 -20.88
N LEU D 216 -14.35 4.05 -19.87
CA LEU D 216 -14.08 2.62 -19.94
C LEU D 216 -14.98 2.00 -18.91
N THR D 217 -15.81 1.05 -19.29
CA THR D 217 -16.66 0.39 -18.31
C THR D 217 -16.66 -1.12 -18.55
N TRP D 218 -16.52 -1.89 -17.49
CA TRP D 218 -16.68 -3.34 -17.59
C TRP D 218 -18.13 -3.67 -17.31
N GLN D 219 -18.61 -4.68 -18.02
CA GLN D 219 -19.94 -5.22 -17.84
C GLN D 219 -19.93 -6.74 -17.80
N LEU D 220 -20.95 -7.29 -17.16
CA LEU D 220 -21.18 -8.73 -17.13
C LEU D 220 -22.55 -8.96 -17.71
N ASN D 221 -22.62 -9.31 -18.99
CA ASN D 221 -23.91 -9.51 -19.69
C ASN D 221 -24.94 -8.39 -19.52
N GLY D 222 -24.51 -7.14 -19.59
CA GLY D 222 -25.39 -6.01 -19.34
C GLY D 222 -25.19 -5.26 -18.02
N GLU D 223 -24.75 -5.98 -17.01
CA GLU D 223 -24.65 -5.43 -15.66
C GLU D 223 -23.45 -4.54 -15.61
N ASP D 224 -23.66 -3.29 -15.21
CA ASP D 224 -22.61 -2.30 -15.12
C ASP D 224 -21.72 -2.53 -13.89
N LEU D 225 -20.41 -2.71 -14.11
CA LEU D 225 -19.52 -3.02 -13.01
C LEU D 225 -18.70 -1.83 -12.58
N THR D 226 -19.13 -0.61 -12.98
CA THR D 226 -18.30 0.61 -12.77
C THR D 226 -17.70 0.66 -11.35
N GLN D 227 -18.52 0.39 -10.35
CA GLN D 227 -18.11 0.47 -8.95
C GLN D 227 -17.20 -0.63 -8.41
N ASP D 228 -17.12 -1.79 -9.06
CA ASP D 228 -16.12 -2.82 -8.68
C ASP D 228 -14.75 -2.65 -9.40
N MET D 229 -14.60 -1.59 -10.18
CA MET D 229 -13.51 -1.43 -11.11
C MET D 229 -12.29 -0.77 -10.43
N GLU D 230 -11.07 -1.13 -10.79
CA GLU D 230 -9.93 -0.27 -10.46
C GLU D 230 -9.61 0.51 -11.73
N LEU D 231 -9.47 1.81 -11.60
CA LEU D 231 -9.42 2.69 -12.76
C LEU D 231 -8.27 3.65 -12.57
N VAL D 232 -7.24 3.67 -13.43
CA VAL D 232 -6.16 4.66 -13.28
C VAL D 232 -6.54 5.96 -13.94
N GLU D 233 -5.96 7.07 -13.47
CA GLU D 233 -6.14 8.34 -14.13
C GLU D 233 -5.60 8.28 -15.53
N THR D 234 -6.30 9.01 -16.39
CA THR D 234 -5.83 9.21 -17.74
C THR D 234 -4.44 9.85 -17.72
N ARG D 235 -3.55 9.35 -18.57
CA ARG D 235 -2.14 9.75 -18.49
C ARG D 235 -1.61 10.10 -19.85
N PRO D 236 -0.72 11.07 -19.94
CA PRO D 236 -0.15 11.44 -21.25
C PRO D 236 0.86 10.46 -21.78
N ALA D 237 0.79 10.14 -23.07
CA ALA D 237 1.76 9.25 -23.64
C ALA D 237 3.04 9.97 -23.98
N GLY D 238 2.99 11.29 -24.10
CA GLY D 238 4.18 12.10 -24.39
C GLY D 238 4.24 12.59 -25.84
N ASP D 239 3.40 12.04 -26.70
CA ASP D 239 3.32 12.36 -28.13
C ASP D 239 2.01 13.07 -28.47
N GLY D 240 1.35 13.64 -27.47
CA GLY D 240 0.08 14.33 -27.68
C GLY D 240 -1.14 13.43 -27.52
N THR D 241 -0.95 12.12 -27.31
CA THR D 241 -2.05 11.22 -27.08
C THR D 241 -2.08 10.75 -25.65
N PHE D 242 -3.19 10.11 -25.28
CA PHE D 242 -3.44 9.69 -23.89
C PHE D 242 -3.69 8.22 -23.76
N GLN D 243 -3.58 7.73 -22.53
CA GLN D 243 -3.74 6.32 -22.18
C GLN D 243 -4.57 6.14 -20.95
N LYS D 244 -5.26 5.01 -20.84
CA LYS D 244 -6.02 4.70 -19.65
C LYS D 244 -6.23 3.20 -19.58
N TRP D 245 -6.40 2.68 -18.37
CA TRP D 245 -6.92 1.32 -18.21
C TRP D 245 -7.84 1.18 -17.05
N ALA D 246 -8.63 0.14 -17.12
CA ALA D 246 -9.58 -0.22 -16.08
C ALA D 246 -9.59 -1.72 -15.88
N ALA D 247 -9.62 -2.15 -14.64
CA ALA D 247 -9.48 -3.55 -14.34
C ALA D 247 -10.57 -4.04 -13.44
N VAL D 248 -10.82 -5.34 -13.53
CA VAL D 248 -11.83 -5.95 -12.77
C VAL D 248 -11.37 -7.35 -12.34
N VAL D 249 -11.75 -7.74 -11.12
CA VAL D 249 -11.40 -9.06 -10.59
C VAL D 249 -12.57 -9.98 -10.88
N VAL D 250 -12.32 -11.11 -11.53
CA VAL D 250 -13.40 -12.02 -11.93
C VAL D 250 -13.06 -13.48 -11.62
N PRO D 251 -14.08 -14.35 -11.44
CA PRO D 251 -13.77 -15.75 -11.11
C PRO D 251 -12.96 -16.49 -12.21
N LEU D 252 -11.95 -17.23 -11.78
CA LEU D 252 -11.13 -18.05 -12.66
C LEU D 252 -12.11 -18.90 -13.45
N GLY D 253 -11.93 -18.88 -14.77
CA GLY D 253 -12.81 -19.64 -15.68
C GLY D 253 -14.07 -18.96 -16.23
N LYS D 254 -14.34 -17.69 -15.89
CA LYS D 254 -15.51 -16.99 -16.45
C LYS D 254 -15.11 -15.73 -17.20
N GLU D 255 -13.83 -15.64 -17.52
CA GLU D 255 -13.26 -14.48 -18.17
C GLU D 255 -14.06 -14.05 -19.40
N GLN D 256 -14.53 -15.05 -20.15
CA GLN D 256 -15.29 -14.83 -21.38
C GLN D 256 -16.61 -14.06 -21.22
N ASN D 257 -17.22 -14.09 -20.04
CA ASN D 257 -18.50 -13.42 -19.81
C ASN D 257 -18.43 -11.88 -19.61
N TYR D 258 -17.20 -11.35 -19.49
CA TYR D 258 -16.99 -9.97 -19.15
C TYR D 258 -16.64 -9.22 -20.40
N THR D 259 -17.21 -8.03 -20.53
CA THR D 259 -16.93 -7.21 -21.69
C THR D 259 -16.52 -5.81 -21.22
N CYS D 260 -15.53 -5.26 -21.90
CA CYS D 260 -15.11 -3.92 -21.69
C CYS D 260 -15.76 -3.07 -22.78
N HIS D 261 -16.32 -1.92 -22.39
CA HIS D 261 -17.00 -1.00 -23.29
C HIS D 261 -16.25 0.31 -23.24
N VAL D 262 -15.91 0.81 -24.41
CA VAL D 262 -15.11 1.99 -24.53
C VAL D 262 -15.91 3.07 -25.25
N HIS D 263 -15.99 4.26 -24.65
CA HIS D 263 -16.72 5.38 -25.22
C HIS D 263 -15.75 6.51 -25.42
N HIS D 264 -15.72 7.03 -26.62
CA HIS D 264 -14.82 8.09 -26.96
C HIS D 264 -15.39 8.83 -28.15
N LYS D 265 -15.08 10.11 -28.23
CA LYS D 265 -15.54 10.94 -29.33
C LYS D 265 -15.30 10.26 -30.69
N GLY D 266 -14.15 9.60 -30.85
CA GLY D 266 -13.79 8.83 -32.06
C GLY D 266 -14.53 7.53 -32.36
N LEU D 267 -15.41 7.11 -31.46
CA LEU D 267 -16.14 5.87 -31.65
C LEU D 267 -17.64 6.12 -31.92
N PRO D 268 -18.08 5.86 -33.16
CA PRO D 268 -19.47 6.15 -33.50
C PRO D 268 -20.42 5.37 -32.57
N GLU D 269 -19.99 4.18 -32.21
CA GLU D 269 -20.66 3.43 -31.18
C GLU D 269 -19.62 2.79 -30.29
N PRO D 270 -20.03 2.48 -29.05
CA PRO D 270 -19.05 1.91 -28.12
C PRO D 270 -18.35 0.68 -28.71
N LEU D 271 -17.06 0.55 -28.41
CA LEU D 271 -16.30 -0.64 -28.70
C LEU D 271 -16.56 -1.62 -27.59
N THR D 272 -16.77 -2.87 -27.98
CA THR D 272 -16.96 -3.96 -27.06
C THR D 272 -15.78 -4.91 -27.25
N LEU D 273 -15.13 -5.27 -26.15
CA LEU D 273 -13.94 -6.13 -26.16
C LEU D 273 -14.02 -7.18 -25.08
N ARG D 274 -13.42 -8.34 -25.35
CA ARG D 274 -13.29 -9.44 -24.40
C ARG D 274 -11.87 -9.95 -24.36
N TRP D 275 -11.49 -10.65 -23.29
CA TRP D 275 -10.22 -11.40 -23.25
C TRP D 275 -10.28 -12.42 -24.38
N LYS D 276 -9.29 -12.39 -25.26
CA LYS D 276 -9.19 -13.31 -26.42
C LYS D 276 -7.91 -14.17 -26.23
N PRO D 277 -8.06 -15.33 -25.57
CA PRO D 277 -6.83 -16.03 -25.15
C PRO D 277 -6.00 -16.58 -26.33
N MET E 1 0.65 25.19 5.01
CA MET E 1 0.46 24.59 3.66
C MET E 1 -0.34 23.27 3.65
N ILE E 2 -1.02 23.06 2.54
CA ILE E 2 -1.74 21.82 2.28
C ILE E 2 -0.74 20.83 1.74
N GLN E 3 -0.83 19.55 2.12
CA GLN E 3 0.07 18.49 1.64
C GLN E 3 -0.73 17.35 0.98
N ARG E 4 -0.45 17.08 -0.30
CA ARG E 4 -1.03 15.95 -0.98
C ARG E 4 0.09 15.19 -1.63
N THR E 5 0.05 13.89 -1.41
CA THR E 5 1.13 13.02 -1.82
C THR E 5 0.93 12.68 -3.27
N PRO E 6 2.02 12.64 -4.04
CA PRO E 6 1.88 12.30 -5.45
C PRO E 6 1.38 10.90 -5.79
N LYS E 7 0.55 10.80 -6.82
CA LYS E 7 0.25 9.54 -7.51
C LYS E 7 1.33 9.37 -8.54
N ILE E 8 1.74 8.13 -8.79
CA ILE E 8 2.89 7.86 -9.65
C ILE E 8 2.55 6.72 -10.58
N GLN E 9 2.76 6.91 -11.87
CA GLN E 9 2.67 5.80 -12.83
C GLN E 9 3.93 5.81 -13.69
N VAL E 10 4.41 4.60 -13.96
CA VAL E 10 5.59 4.42 -14.79
C VAL E 10 5.20 3.50 -15.93
N TYR E 11 5.48 3.87 -17.16
CA TYR E 11 4.97 3.15 -18.32
C TYR E 11 5.71 3.63 -19.56
N SER E 12 5.62 2.84 -20.62
CA SER E 12 6.21 3.16 -21.90
C SER E 12 5.22 3.89 -22.81
N ARG E 13 5.73 4.71 -23.72
CA ARG E 13 4.87 5.37 -24.65
C ARG E 13 4.18 4.35 -25.54
N HIS E 14 4.94 3.37 -26.04
CA HIS E 14 4.43 2.35 -26.97
C HIS E 14 4.49 0.99 -26.30
N PRO E 15 3.71 0.04 -26.81
CA PRO E 15 3.90 -1.33 -26.32
C PRO E 15 5.39 -1.74 -26.37
N ALA E 16 5.91 -2.23 -25.26
CA ALA E 16 7.30 -2.66 -25.17
C ALA E 16 7.58 -3.82 -26.13
N GLU E 17 8.65 -3.67 -26.89
CA GLU E 17 9.17 -4.73 -27.77
C GLU E 17 10.70 -4.67 -27.57
N ASN E 18 11.29 -5.77 -27.13
CA ASN E 18 12.71 -5.77 -26.78
C ASN E 18 13.58 -5.41 -27.95
N GLY E 19 14.55 -4.55 -27.71
CA GLY E 19 15.45 -4.09 -28.77
C GLY E 19 14.84 -3.01 -29.65
N LYS E 20 13.63 -2.56 -29.36
CA LYS E 20 12.98 -1.51 -30.14
C LYS E 20 12.92 -0.23 -29.35
N SER E 21 13.23 0.87 -30.02
CA SER E 21 13.34 2.14 -29.37
C SER E 21 11.94 2.66 -28.96
N ASN E 22 11.88 3.38 -27.85
CA ASN E 22 10.62 3.70 -27.21
C ASN E 22 10.85 4.89 -26.27
N PHE E 23 9.87 5.17 -25.41
CA PHE E 23 10.02 6.20 -24.40
C PHE E 23 9.51 5.72 -23.08
N LEU E 24 10.29 6.00 -22.03
CA LEU E 24 9.90 5.65 -20.67
C LEU E 24 9.35 6.87 -19.96
N ASN E 25 8.14 6.74 -19.41
CA ASN E 25 7.47 7.85 -18.75
C ASN E 25 7.22 7.60 -17.27
N CYS E 26 7.40 8.65 -16.48
CA CYS E 26 6.96 8.66 -15.11
C CYS E 26 6.06 9.86 -14.91
N TYR E 27 4.79 9.58 -14.69
CA TYR E 27 3.80 10.63 -14.53
C TYR E 27 3.47 10.78 -13.05
N VAL E 28 3.70 11.95 -12.53
N VAL E 28 3.73 11.95 -12.52
CA VAL E 28 3.44 12.26 -11.16
CA VAL E 28 3.43 12.26 -11.13
C VAL E 28 2.32 13.30 -11.09
C VAL E 28 2.31 13.29 -11.10
N SER E 29 1.29 13.03 -10.30
CA SER E 29 0.11 13.89 -10.28
C SER E 29 -0.52 13.94 -8.90
N GLY E 30 -1.40 14.91 -8.72
CA GLY E 30 -2.18 15.00 -7.48
C GLY E 30 -1.43 15.49 -6.27
N PHE E 31 -0.29 16.17 -6.49
CA PHE E 31 0.56 16.49 -5.36
C PHE E 31 0.56 17.99 -5.01
N HIS E 32 0.88 18.30 -3.76
CA HIS E 32 1.05 19.67 -3.32
C HIS E 32 1.90 19.65 -2.07
N PRO E 33 2.88 20.54 -1.91
CA PRO E 33 3.29 21.58 -2.84
C PRO E 33 4.08 21.09 -4.06
N SER E 34 4.54 22.01 -4.90
CA SER E 34 5.06 21.65 -6.21
C SER E 34 6.43 21.05 -6.18
N ASP E 35 7.21 21.42 -5.19
CA ASP E 35 8.56 20.91 -4.97
C ASP E 35 8.61 19.36 -4.95
N ILE E 36 9.31 18.77 -5.90
CA ILE E 36 9.32 17.33 -6.03
C ILE E 36 10.60 16.89 -6.76
N GLU E 37 11.16 15.77 -6.35
CA GLU E 37 12.39 15.19 -6.95
C GLU E 37 11.96 13.91 -7.64
N VAL E 38 12.19 13.84 -8.95
CA VAL E 38 11.87 12.66 -9.71
C VAL E 38 13.11 12.22 -10.50
N ASP E 39 13.48 10.96 -10.40
CA ASP E 39 14.55 10.39 -11.25
C ASP E 39 14.10 9.10 -11.92
N LEU E 40 14.56 8.89 -13.14
CA LEU E 40 14.35 7.61 -13.79
C LEU E 40 15.61 6.79 -13.60
N LEU E 41 15.43 5.52 -13.28
CA LEU E 41 16.53 4.64 -12.97
C LEU E 41 16.62 3.50 -13.95
N LYS E 42 17.85 3.14 -14.29
CA LYS E 42 18.16 1.95 -15.05
C LYS E 42 19.04 1.11 -14.16
N ASN E 43 18.57 -0.08 -13.79
CA ASN E 43 19.25 -0.97 -12.84
C ASN E 43 19.74 -0.24 -11.60
N GLY E 44 18.87 0.58 -11.00
CA GLY E 44 19.22 1.31 -9.81
C GLY E 44 20.03 2.59 -10.00
N GLU E 45 20.48 2.90 -11.22
CA GLU E 45 21.31 4.12 -11.43
C GLU E 45 20.56 5.20 -12.24
N ARG E 46 20.80 6.45 -11.86
CA ARG E 46 20.10 7.61 -12.38
C ARG E 46 20.35 7.78 -13.87
N ILE E 47 19.30 7.95 -14.65
CA ILE E 47 19.47 8.27 -16.07
C ILE E 47 19.60 9.79 -16.21
N GLU E 48 20.58 10.25 -16.95
CA GLU E 48 20.86 11.68 -16.97
C GLU E 48 20.13 12.44 -18.08
N LYS E 49 19.73 11.77 -19.14
CA LYS E 49 18.99 12.39 -20.24
C LYS E 49 17.60 12.94 -19.96
N VAL E 50 17.05 12.69 -18.79
CA VAL E 50 15.63 12.82 -18.56
C VAL E 50 15.10 14.24 -18.78
N GLU E 51 13.99 14.36 -19.51
CA GLU E 51 13.28 15.63 -19.66
C GLU E 51 11.92 15.58 -18.97
N HIS E 52 11.30 16.74 -18.80
CA HIS E 52 10.02 16.81 -18.18
C HIS E 52 9.18 17.93 -18.73
N SER E 53 7.90 17.83 -18.46
CA SER E 53 6.93 18.82 -18.88
C SER E 53 6.99 20.06 -18.01
N ASP E 54 6.34 21.10 -18.48
CA ASP E 54 6.22 22.33 -17.77
C ASP E 54 5.22 22.13 -16.64
N LEU E 55 5.56 22.63 -15.46
CA LEU E 55 4.70 22.43 -14.27
C LEU E 55 3.32 23.00 -14.54
N SER E 56 2.30 22.18 -14.30
CA SER E 56 0.91 22.60 -14.46
C SER E 56 0.11 22.02 -13.34
N PHE E 57 -1.19 22.31 -13.32
CA PHE E 57 -2.01 21.81 -12.23
C PHE E 57 -3.42 21.69 -12.66
N SER E 58 -4.19 20.99 -11.86
CA SER E 58 -5.60 20.71 -12.13
C SER E 58 -6.55 21.68 -11.39
N LYS E 59 -7.84 21.43 -11.58
CA LYS E 59 -8.88 22.21 -10.91
C LYS E 59 -8.83 22.29 -9.40
N ASP E 60 -8.51 21.19 -8.73
CA ASP E 60 -8.33 21.22 -7.29
C ASP E 60 -6.97 21.84 -6.84
N TRP E 61 -6.21 22.42 -7.76
CA TRP E 61 -4.91 23.09 -7.49
C TRP E 61 -3.73 22.15 -7.43
N SER E 62 -3.96 20.84 -7.59
CA SER E 62 -2.88 19.90 -7.40
C SER E 62 -2.04 19.77 -8.67
N PHE E 63 -0.72 19.62 -8.50
CA PHE E 63 0.21 19.68 -9.58
C PHE E 63 0.38 18.34 -10.29
N TYR E 64 0.85 18.40 -11.55
CA TYR E 64 1.22 17.20 -12.27
C TYR E 64 2.42 17.51 -13.15
N LEU E 65 3.27 16.48 -13.34
CA LEU E 65 4.48 16.54 -14.21
C LEU E 65 4.68 15.19 -14.91
N LEU E 66 5.19 15.24 -16.15
CA LEU E 66 5.59 14.06 -16.87
C LEU E 66 7.08 14.11 -17.04
N TYR E 67 7.76 13.06 -16.58
CA TYR E 67 9.21 12.89 -16.79
C TYR E 67 9.38 11.80 -17.83
N TYR E 68 10.34 11.95 -18.73
CA TYR E 68 10.46 10.99 -19.78
C TYR E 68 11.88 10.93 -20.35
N THR E 69 12.21 9.79 -20.91
CA THR E 69 13.47 9.61 -21.63
C THR E 69 13.32 8.58 -22.74
N GLU E 70 14.14 8.72 -23.79
CA GLU E 70 14.29 7.67 -24.85
C GLU E 70 14.93 6.45 -24.18
N PHE E 71 14.51 5.24 -24.55
CA PHE E 71 15.10 4.01 -24.03
C PHE E 71 14.77 2.83 -24.90
N THR E 72 15.45 1.73 -24.66
CA THR E 72 15.29 0.51 -25.42
C THR E 72 15.10 -0.63 -24.44
N PRO E 73 13.86 -1.07 -24.29
CA PRO E 73 13.57 -2.18 -23.41
C PRO E 73 14.36 -3.40 -23.80
N THR E 74 14.60 -4.27 -22.82
CA THR E 74 15.38 -5.51 -22.99
C THR E 74 14.82 -6.49 -21.98
N GLU E 75 15.20 -7.75 -22.09
CA GLU E 75 14.71 -8.76 -21.15
C GLU E 75 15.27 -8.56 -19.75
N LYS E 76 16.55 -8.19 -19.63
CA LYS E 76 17.24 -8.15 -18.33
C LYS E 76 17.23 -6.80 -17.60
N ASP E 77 17.09 -5.70 -18.33
CA ASP E 77 17.27 -4.38 -17.73
C ASP E 77 16.00 -3.94 -17.03
N GLU E 78 16.21 -3.48 -15.80
CA GLU E 78 15.12 -3.05 -14.93
C GLU E 78 15.06 -1.53 -14.86
N TYR E 79 13.91 -1.00 -15.18
CA TYR E 79 13.71 0.43 -15.12
C TYR E 79 12.76 0.78 -14.00
N ALA E 80 12.92 1.97 -13.46
CA ALA E 80 12.09 2.40 -12.34
C ALA E 80 12.07 3.93 -12.24
N CYS E 81 11.13 4.43 -11.45
CA CYS E 81 11.00 5.85 -11.21
C CYS E 81 11.18 6.07 -9.71
N ARG E 82 12.05 7.00 -9.32
CA ARG E 82 12.21 7.35 -7.90
C ARG E 82 11.69 8.74 -7.57
N VAL E 83 10.83 8.84 -6.58
CA VAL E 83 10.12 10.08 -6.28
C VAL E 83 10.28 10.47 -4.81
N ASN E 84 10.60 11.74 -4.58
CA ASN E 84 10.65 12.27 -3.26
C ASN E 84 9.83 13.57 -3.20
N HIS E 85 9.22 13.81 -2.04
CA HIS E 85 8.25 14.88 -1.85
C HIS E 85 8.07 15.03 -0.33
N VAL E 86 7.70 16.21 0.13
CA VAL E 86 7.58 16.41 1.57
C VAL E 86 6.59 15.44 2.29
N THR E 87 5.62 14.90 1.56
CA THR E 87 4.64 13.95 2.16
C THR E 87 5.17 12.54 2.40
N LEU E 88 6.36 12.22 1.89
CA LEU E 88 6.96 10.90 2.04
C LEU E 88 8.05 10.89 3.09
N SER E 89 8.06 9.88 3.95
CA SER E 89 9.13 9.73 4.92
C SER E 89 10.49 9.45 4.28
N GLN E 90 10.47 8.84 3.10
CA GLN E 90 11.67 8.58 2.33
C GLN E 90 11.28 8.36 0.87
N PRO E 91 12.26 8.42 -0.06
CA PRO E 91 11.84 8.29 -1.44
C PRO E 91 11.18 6.96 -1.76
N LYS E 92 10.26 7.05 -2.70
CA LYS E 92 9.42 5.96 -3.12
C LYS E 92 9.97 5.52 -4.46
N ILE E 93 10.10 4.22 -4.64
CA ILE E 93 10.52 3.67 -5.94
C ILE E 93 9.41 2.82 -6.55
N VAL E 94 9.01 3.18 -7.77
CA VAL E 94 8.03 2.42 -8.51
C VAL E 94 8.68 1.84 -9.74
N LYS E 95 8.65 0.51 -9.83
CA LYS E 95 9.28 -0.20 -10.92
C LYS E 95 8.40 -0.20 -12.14
N TRP E 96 9.03 -0.18 -13.31
CA TRP E 96 8.31 -0.30 -14.55
C TRP E 96 7.90 -1.75 -14.74
N ASP E 97 6.61 -1.98 -14.93
CA ASP E 97 6.07 -3.29 -15.29
C ASP E 97 5.47 -3.11 -16.68
N ARG E 98 6.00 -3.78 -17.70
CA ARG E 98 5.53 -3.54 -19.06
C ARG E 98 4.05 -3.87 -19.26
N ASP E 99 3.46 -4.62 -18.33
CA ASP E 99 2.02 -4.92 -18.35
C ASP E 99 1.14 -3.97 -17.53
N MET E 100 1.63 -2.78 -17.19
CA MET E 100 0.84 -1.75 -16.47
C MET E 100 1.10 -0.30 -16.94
N LEU F 1 -4.44 34.22 -25.27
CA LEU F 1 -3.68 35.42 -24.91
C LEU F 1 -3.69 35.57 -23.39
N TYR F 2 -2.51 35.44 -22.77
CA TYR F 2 -2.30 35.78 -21.37
C TYR F 2 -2.60 37.27 -21.12
N LEU F 3 -3.34 37.58 -20.06
CA LEU F 3 -3.51 38.99 -19.55
C LEU F 3 -3.30 39.18 -17.98
N VAL F 4 -2.81 40.36 -17.55
CA VAL F 4 -2.14 40.62 -16.23
C VAL F 4 -2.66 41.73 -15.27
N CYS F 5 -2.42 41.47 -13.96
CA CYS F 5 -2.86 42.35 -12.85
C CYS F 5 -1.92 43.56 -12.65
N GLY F 6 -2.42 44.60 -11.96
CA GLY F 6 -1.67 45.84 -11.70
C GLY F 6 -0.76 45.83 -10.46
N GLU F 7 -1.36 46.00 -9.27
CA GLU F 7 -0.60 46.03 -7.99
C GLU F 7 -1.41 45.39 -6.84
N ARG F 8 -2.72 45.36 -7.05
CA ARG F 8 -3.71 45.28 -5.97
C ARG F 8 -3.69 44.01 -5.12
N GLY F 9 -4.81 43.77 -4.47
CA GLY F 9 -4.98 42.56 -3.70
C GLY F 9 -3.95 42.20 -2.67
N PHE F 10 -3.04 41.30 -3.07
CA PHE F 10 -1.98 40.81 -2.22
C PHE F 10 -2.39 39.45 -1.68
N MET G 1 31.60 -32.63 4.96
CA MET G 1 31.81 -31.98 6.30
C MET G 1 31.11 -30.65 6.34
N GLY G 2 29.93 -30.67 5.77
CA GLY G 2 29.37 -29.46 5.25
C GLY G 2 27.93 -29.83 5.33
N PRO G 3 27.09 -28.90 4.97
CA PRO G 3 25.68 -29.29 4.96
C PRO G 3 25.36 -30.45 3.98
N HIS G 4 24.27 -31.16 4.25
CA HIS G 4 23.74 -32.18 3.35
C HIS G 4 22.22 -32.11 3.39
N SER G 5 21.54 -32.69 2.41
CA SER G 5 20.11 -32.69 2.40
C SER G 5 19.55 -33.91 1.76
N LEU G 6 18.41 -34.32 2.25
CA LEU G 6 17.60 -35.37 1.69
C LEU G 6 16.28 -34.71 1.32
N ARG G 7 15.91 -34.75 0.04
CA ARG G 7 14.67 -34.12 -0.46
C ARG G 7 13.87 -35.03 -1.36
N TYR G 8 12.58 -35.07 -1.18
CA TYR G 8 11.67 -35.77 -2.09
C TYR G 8 10.80 -34.74 -2.77
N PHE G 9 10.69 -34.85 -4.10
CA PHE G 9 9.85 -33.98 -4.91
C PHE G 9 8.76 -34.83 -5.53
N VAL G 10 7.52 -34.57 -5.13
CA VAL G 10 6.37 -35.38 -5.53
C VAL G 10 5.36 -34.59 -6.31
N THR G 11 4.95 -35.15 -7.44
CA THR G 11 4.07 -34.44 -8.40
C THR G 11 2.91 -35.35 -8.77
N ALA G 12 1.68 -34.86 -8.63
CA ALA G 12 0.51 -35.54 -9.18
C ALA G 12 -0.22 -34.63 -10.14
N VAL G 13 -0.56 -35.15 -11.31
CA VAL G 13 -1.23 -34.37 -12.35
C VAL G 13 -2.47 -35.09 -12.86
N SER G 14 -3.65 -34.47 -12.75
CA SER G 14 -4.87 -35.08 -13.25
C SER G 14 -4.88 -34.94 -14.76
N ARG G 15 -5.51 -35.89 -15.42
CA ARG G 15 -5.43 -35.94 -16.89
C ARG G 15 -6.79 -36.29 -17.48
N PRO G 16 -7.71 -35.30 -17.61
CA PRO G 16 -9.06 -35.54 -18.13
C PRO G 16 -9.12 -36.50 -19.33
N GLY G 17 -9.97 -37.51 -19.21
CA GLY G 17 -10.18 -38.49 -20.29
C GLY G 17 -9.13 -39.55 -20.48
N LEU G 18 -8.16 -39.58 -19.58
CA LEU G 18 -7.02 -40.45 -19.72
C LEU G 18 -6.89 -41.41 -18.53
N GLY G 19 -7.84 -41.38 -17.60
CA GLY G 19 -7.81 -42.24 -16.45
C GLY G 19 -7.04 -41.64 -15.28
N GLU G 20 -6.34 -42.48 -14.53
CA GLU G 20 -5.79 -42.03 -13.29
C GLU G 20 -4.78 -40.86 -13.51
N PRO G 21 -4.62 -40.02 -12.51
CA PRO G 21 -3.54 -39.06 -12.50
C PRO G 21 -2.12 -39.65 -12.62
N ARG G 22 -1.24 -38.88 -13.19
CA ARG G 22 0.13 -39.25 -13.27
C ARG G 22 0.72 -38.91 -11.89
N PHE G 23 1.40 -39.84 -11.26
CA PHE G 23 2.00 -39.64 -9.95
C PHE G 23 3.46 -40.03 -10.05
N ILE G 24 4.32 -39.07 -9.75
CA ILE G 24 5.78 -39.24 -9.83
C ILE G 24 6.40 -38.74 -8.56
N ALA G 25 7.23 -39.60 -7.97
CA ALA G 25 8.04 -39.20 -6.81
C ALA G 25 9.51 -39.39 -7.13
N VAL G 26 10.31 -38.44 -6.71
CA VAL G 26 11.71 -38.47 -6.98
C VAL G 26 12.48 -38.04 -5.70
N GLY G 27 13.52 -38.81 -5.34
CA GLY G 27 14.35 -38.48 -4.19
C GLY G 27 15.77 -38.06 -4.57
N TYR G 28 16.26 -37.02 -3.91
CA TYR G 28 17.63 -36.57 -4.06
C TYR G 28 18.36 -36.55 -2.76
N VAL G 29 19.63 -36.96 -2.79
CA VAL G 29 20.59 -36.59 -1.75
C VAL G 29 21.56 -35.51 -2.26
N ASP G 30 21.56 -34.36 -1.61
CA ASP G 30 22.30 -33.21 -2.13
C ASP G 30 21.88 -33.03 -3.58
N ASP G 31 22.81 -32.93 -4.53
CA ASP G 31 22.48 -32.68 -5.95
C ASP G 31 22.28 -33.98 -6.83
N THR G 32 22.17 -35.16 -6.21
CA THR G 32 22.20 -36.44 -6.91
C THR G 32 20.89 -37.18 -6.72
N GLN G 33 20.19 -37.48 -7.81
CA GLN G 33 18.95 -38.22 -7.69
C GLN G 33 19.25 -39.62 -7.30
N PHE G 34 18.50 -40.22 -6.38
CA PHE G 34 18.80 -41.62 -5.97
C PHE G 34 17.66 -42.62 -6.03
N VAL G 35 16.42 -42.16 -6.05
CA VAL G 35 15.25 -43.05 -6.18
C VAL G 35 14.15 -42.40 -7.02
N ARG G 36 13.26 -43.26 -7.51
CA ARG G 36 12.01 -42.80 -8.08
C ARG G 36 10.86 -43.76 -7.94
N PHE G 37 9.66 -43.20 -8.00
CA PHE G 37 8.43 -43.97 -8.22
C PHE G 37 7.65 -43.28 -9.34
N ASP G 38 7.13 -44.05 -10.29
CA ASP G 38 6.37 -43.48 -11.40
C ASP G 38 5.13 -44.36 -11.69
N SER G 39 3.95 -43.82 -11.49
CA SER G 39 2.68 -44.54 -11.66
C SER G 39 2.44 -45.03 -13.05
N ASP G 40 3.08 -44.43 -14.04
CA ASP G 40 2.89 -44.86 -15.42
C ASP G 40 3.65 -46.10 -15.86
N ALA G 41 4.62 -46.53 -15.09
CA ALA G 41 5.25 -47.83 -15.34
C ALA G 41 4.20 -48.93 -15.29
N ASP G 42 4.38 -49.98 -16.07
CA ASP G 42 3.37 -51.06 -16.08
C ASP G 42 3.37 -51.92 -14.78
N ASN G 43 4.46 -51.92 -14.00
CA ASN G 43 4.45 -52.48 -12.64
C ASN G 43 5.10 -51.50 -11.68
N PRO G 44 4.36 -50.44 -11.32
CA PRO G 44 4.94 -49.32 -10.58
C PRO G 44 5.54 -49.75 -9.24
N ARG G 45 6.85 -49.58 -9.13
CA ARG G 45 7.61 -49.81 -7.92
C ARG G 45 8.47 -48.62 -7.58
N PHE G 46 8.74 -48.49 -6.27
CA PHE G 46 9.75 -47.54 -5.79
C PHE G 46 11.04 -48.22 -6.23
N GLU G 47 11.98 -47.45 -6.84
CA GLU G 47 13.15 -48.10 -7.39
C GLU G 47 14.40 -47.24 -7.37
N PRO G 48 15.56 -47.87 -7.40
CA PRO G 48 16.80 -47.14 -7.39
C PRO G 48 17.08 -46.41 -8.67
N ARG G 49 17.69 -45.24 -8.55
CA ARG G 49 18.19 -44.46 -9.70
C ARG G 49 19.65 -44.10 -9.60
N ALA G 50 20.33 -44.73 -8.67
CA ALA G 50 21.77 -44.65 -8.55
C ALA G 50 22.24 -46.07 -8.29
N PRO G 51 23.31 -46.51 -8.97
CA PRO G 51 23.73 -47.92 -8.74
C PRO G 51 24.04 -48.25 -7.27
N TRP G 52 24.53 -47.29 -6.51
CA TRP G 52 24.82 -47.57 -5.10
C TRP G 52 23.60 -47.84 -4.22
N MET G 53 22.40 -47.46 -4.67
CA MET G 53 21.19 -47.79 -3.93
C MET G 53 20.80 -49.25 -4.06
N GLU G 54 21.41 -50.00 -4.95
CA GLU G 54 21.09 -51.44 -5.04
C GLU G 54 21.45 -52.23 -3.78
N GLN G 55 22.20 -51.62 -2.87
CA GLN G 55 22.54 -52.28 -1.61
C GLN G 55 21.36 -52.44 -0.60
N GLU G 56 20.31 -51.61 -0.72
CA GLU G 56 19.13 -51.79 0.11
C GLU G 56 18.34 -53.05 -0.25
N GLY G 57 17.90 -53.76 0.79
CA GLY G 57 17.20 -55.02 0.63
C GLY G 57 15.73 -54.93 0.36
N PRO G 58 15.10 -56.10 0.19
CA PRO G 58 13.74 -56.17 -0.36
C PRO G 58 12.71 -55.50 0.52
N GLU G 59 12.90 -55.57 1.82
CA GLU G 59 11.99 -54.94 2.74
C GLU G 59 11.95 -53.43 2.55
N TYR G 60 13.09 -52.79 2.37
CA TYR G 60 13.08 -51.38 2.07
C TYR G 60 12.26 -51.02 0.80
N TRP G 61 12.48 -51.74 -0.28
CA TRP G 61 11.80 -51.42 -1.54
C TRP G 61 10.29 -51.68 -1.39
N GLU G 62 9.94 -52.73 -0.70
CA GLU G 62 8.56 -53.09 -0.53
C GLU G 62 7.84 -52.04 0.31
N GLU G 63 8.43 -51.67 1.42
CA GLU G 63 7.84 -50.72 2.31
C GLU G 63 7.68 -49.40 1.56
N GLN G 64 8.72 -48.97 0.84
CA GLN G 64 8.67 -47.68 0.16
C GLN G 64 7.64 -47.69 -0.96
N THR G 65 7.50 -48.82 -1.65
CA THR G 65 6.49 -48.96 -2.68
C THR G 65 5.08 -48.84 -2.09
N GLN G 66 4.82 -49.51 -0.99
CA GLN G 66 3.53 -49.44 -0.32
C GLN G 66 3.23 -48.01 0.10
N ARG G 67 4.23 -47.29 0.56
CA ARG G 67 4.03 -45.93 0.98
C ARG G 67 3.75 -45.06 -0.22
N ALA G 68 4.44 -45.34 -1.33
CA ALA G 68 4.24 -44.53 -2.51
C ALA G 68 2.82 -44.73 -3.02
N LYS G 69 2.36 -45.96 -3.04
CA LYS G 69 1.01 -46.29 -3.47
C LYS G 69 -0.08 -45.73 -2.63
N SER G 70 0.16 -45.67 -1.33
CA SER G 70 -0.82 -45.08 -0.43
C SER G 70 -0.87 -43.56 -0.67
N ASP G 71 0.29 -42.94 -0.81
CA ASP G 71 0.36 -41.53 -1.17
C ASP G 71 -0.30 -41.26 -2.52
N GLU G 72 -0.09 -42.10 -3.50
CA GLU G 72 -0.69 -41.90 -4.79
C GLU G 72 -2.21 -41.79 -4.63
N GLN G 73 -2.80 -42.73 -3.89
CA GLN G 73 -4.24 -42.72 -3.68
C GLN G 73 -4.68 -41.41 -2.94
N TRP G 74 -3.91 -40.98 -1.97
CA TRP G 74 -4.20 -39.80 -1.22
C TRP G 74 -4.14 -38.55 -2.13
N PHE G 75 -3.20 -38.48 -3.04
CA PHE G 75 -3.19 -37.35 -3.97
C PHE G 75 -4.37 -37.36 -4.95
N ARG G 76 -4.78 -38.56 -5.37
N ARG G 76 -4.83 -38.54 -5.38
CA ARG G 76 -5.91 -38.72 -6.27
CA ARG G 76 -5.96 -38.57 -6.31
C ARG G 76 -7.16 -38.12 -5.60
C ARG G 76 -7.21 -38.09 -5.61
N VAL G 77 -7.35 -38.48 -4.34
CA VAL G 77 -8.44 -37.96 -3.53
C VAL G 77 -8.32 -36.45 -3.33
N SER G 78 -7.15 -35.99 -3.02
CA SER G 78 -6.97 -34.57 -2.77
C SER G 78 -7.19 -33.70 -4.03
N LEU G 79 -6.76 -34.18 -5.18
CA LEU G 79 -7.06 -33.50 -6.45
C LEU G 79 -8.57 -33.37 -6.59
N ARG G 80 -9.32 -34.41 -6.26
CA ARG G 80 -10.76 -34.32 -6.42
C ARG G 80 -11.36 -33.36 -5.42
N THR G 81 -10.85 -33.38 -4.22
CA THR G 81 -11.35 -32.54 -3.17
C THR G 81 -11.07 -31.05 -3.41
N ALA G 82 -9.87 -30.73 -3.90
CA ALA G 82 -9.56 -29.34 -4.20
C ALA G 82 -10.48 -28.78 -5.28
N GLN G 83 -10.78 -29.61 -6.28
CA GLN G 83 -11.71 -29.26 -7.38
C GLN G 83 -13.09 -28.87 -6.80
N ARG G 84 -13.49 -29.63 -5.80
CA ARG G 84 -14.74 -29.39 -5.14
C ARG G 84 -14.61 -28.10 -4.32
N TYR G 85 -13.56 -27.96 -3.51
CA TYR G 85 -13.33 -26.75 -2.67
C TYR G 85 -13.27 -25.46 -3.49
N TYR G 86 -12.58 -25.49 -4.61
CA TYR G 86 -12.51 -24.32 -5.48
C TYR G 86 -13.62 -24.22 -6.53
N ASN G 87 -14.55 -25.18 -6.53
CA ASN G 87 -15.65 -25.16 -7.45
C ASN G 87 -15.21 -25.15 -8.95
N GLN G 88 -14.18 -25.92 -9.35
CA GLN G 88 -13.61 -25.89 -10.72
C GLN G 88 -14.43 -26.83 -11.64
N SER G 89 -15.60 -26.33 -12.03
CA SER G 89 -16.58 -27.07 -12.84
C SER G 89 -16.19 -27.21 -14.32
N LYS G 90 -15.13 -26.52 -14.75
CA LYS G 90 -14.63 -26.63 -16.12
C LYS G 90 -13.64 -27.79 -16.25
N GLY G 91 -13.43 -28.54 -15.16
CA GLY G 91 -12.82 -29.89 -15.22
C GLY G 91 -11.52 -30.16 -15.96
N GLY G 92 -10.45 -29.37 -15.77
CA GLY G 92 -9.22 -29.58 -16.54
C GLY G 92 -8.14 -30.36 -15.77
N SER G 93 -6.91 -30.22 -16.22
CA SER G 93 -5.77 -30.86 -15.61
C SER G 93 -5.31 -29.99 -14.44
N HIS G 94 -5.08 -30.58 -13.29
CA HIS G 94 -4.58 -29.83 -12.17
C HIS G 94 -3.40 -30.57 -11.54
N THR G 95 -2.62 -29.83 -10.78
CA THR G 95 -1.37 -30.29 -10.27
C THR G 95 -1.22 -30.09 -8.79
N PHE G 96 -0.96 -31.18 -8.06
CA PHE G 96 -0.56 -31.12 -6.64
C PHE G 96 0.90 -31.50 -6.54
N GLN G 97 1.68 -30.69 -5.86
CA GLN G 97 3.04 -31.03 -5.59
C GLN G 97 3.30 -31.06 -4.12
N ARG G 98 4.19 -31.95 -3.72
CA ARG G 98 4.66 -31.98 -2.37
C ARG G 98 6.17 -32.01 -2.34
N MET G 99 6.76 -31.21 -1.47
CA MET G 99 8.17 -31.29 -1.21
C MET G 99 8.37 -31.63 0.26
N PHE G 100 9.24 -32.57 0.55
CA PHE G 100 9.59 -32.82 1.93
C PHE G 100 10.95 -33.36 2.07
N GLY G 101 11.44 -33.24 3.29
CA GLY G 101 12.82 -33.62 3.60
C GLY G 101 13.54 -32.77 4.64
N CYS G 102 14.85 -32.95 4.71
CA CYS G 102 15.66 -32.38 5.75
C CYS G 102 16.99 -31.82 5.23
N ASP G 103 17.30 -30.59 5.65
CA ASP G 103 18.65 -30.02 5.57
C ASP G 103 19.33 -30.19 6.91
N VAL G 104 20.49 -30.81 6.92
CA VAL G 104 21.30 -30.88 8.11
C VAL G 104 22.62 -30.15 7.99
N GLY G 105 23.09 -29.66 9.13
CA GLY G 105 24.33 -28.95 9.19
C GLY G 105 25.51 -29.90 9.20
N SER G 106 26.70 -29.33 9.20
CA SER G 106 27.93 -30.10 9.25
C SER G 106 28.07 -30.88 10.60
N ASP G 107 27.42 -30.39 11.65
CA ASP G 107 27.34 -31.07 12.93
C ASP G 107 26.11 -31.98 13.07
N TRP G 108 25.37 -32.15 11.97
CA TRP G 108 24.21 -33.05 11.93
C TRP G 108 22.97 -32.60 12.67
N ARG G 109 22.91 -31.33 13.03
CA ARG G 109 21.67 -30.79 13.55
C ARG G 109 20.67 -30.60 12.38
N LEU G 110 19.39 -30.64 12.67
CA LEU G 110 18.42 -30.32 11.65
C LEU G 110 18.33 -28.82 11.42
N LEU G 111 18.83 -28.34 10.29
CA LEU G 111 18.72 -26.90 9.98
C LEU G 111 17.29 -26.53 9.57
N ARG G 112 16.66 -27.33 8.73
CA ARG G 112 15.31 -27.08 8.27
C ARG G 112 14.67 -28.39 7.91
N GLY G 113 13.46 -28.64 8.40
CA GLY G 113 12.64 -29.78 7.96
C GLY G 113 11.53 -29.26 7.06
N TYR G 114 11.25 -29.94 5.95
CA TYR G 114 10.25 -29.48 4.98
C TYR G 114 9.11 -30.44 4.84
N HIS G 115 7.90 -29.89 4.79
CA HIS G 115 6.69 -30.64 4.47
C HIS G 115 5.66 -29.61 3.99
N GLN G 116 5.49 -29.58 2.69
CA GLN G 116 5.07 -28.38 1.98
C GLN G 116 4.32 -28.79 0.71
N PHE G 117 3.27 -28.08 0.35
CA PHE G 117 2.43 -28.40 -0.80
C PHE G 117 2.09 -27.20 -1.67
N ALA G 118 1.94 -27.45 -2.98
CA ALA G 118 1.45 -26.45 -3.93
C ALA G 118 0.30 -27.03 -4.78
N TYR G 119 -0.64 -26.17 -5.17
CA TYR G 119 -1.71 -26.54 -6.07
C TYR G 119 -1.66 -25.59 -7.25
N ASP G 120 -1.65 -26.18 -8.43
CA ASP G 120 -1.60 -25.45 -9.69
C ASP G 120 -0.54 -24.38 -9.66
N GLY G 121 0.58 -24.72 -9.05
CA GLY G 121 1.76 -23.87 -9.05
C GLY G 121 1.76 -22.78 -8.01
N ARG G 122 0.83 -22.81 -7.05
CA ARG G 122 0.87 -21.81 -5.97
C ARG G 122 0.87 -22.49 -4.62
N ASP G 123 1.60 -21.88 -3.70
CA ASP G 123 1.65 -22.40 -2.37
C ASP G 123 0.23 -22.69 -1.88
N TYR G 124 0.06 -23.87 -1.28
CA TYR G 124 -1.22 -24.24 -0.72
C TYR G 124 -1.14 -24.29 0.79
N ILE G 125 -0.32 -25.17 1.32
CA ILE G 125 -0.08 -25.23 2.76
C ILE G 125 1.33 -25.75 3.04
N ALA G 126 1.94 -25.23 4.08
CA ALA G 126 3.33 -25.58 4.43
C ALA G 126 3.49 -25.69 5.94
N LEU G 127 4.24 -26.71 6.34
CA LEU G 127 4.68 -26.85 7.71
C LEU G 127 5.75 -25.79 7.99
N ASN G 128 5.53 -24.99 9.01
CA ASN G 128 6.50 -23.94 9.32
C ASN G 128 7.80 -24.48 9.92
N GLU G 129 8.78 -23.60 10.03
CA GLU G 129 10.12 -24.00 10.50
C GLU G 129 10.09 -24.54 11.93
N ASP G 130 9.19 -24.04 12.75
CA ASP G 130 8.93 -24.59 14.09
C ASP G 130 8.44 -26.06 14.11
N LEU G 131 8.04 -26.60 12.95
CA LEU G 131 7.53 -27.97 12.85
C LEU G 131 6.33 -28.23 13.76
N LYS G 132 5.55 -27.18 14.02
CA LYS G 132 4.39 -27.21 14.90
C LYS G 132 3.15 -26.58 14.24
N THR G 133 3.32 -25.54 13.43
CA THR G 133 2.18 -24.82 12.89
C THR G 133 2.29 -24.73 11.38
N TRP G 134 1.19 -24.32 10.76
CA TRP G 134 1.09 -24.38 9.35
C TRP G 134 0.80 -23.00 8.82
N THR G 135 1.33 -22.75 7.62
CA THR G 135 0.99 -21.57 6.84
C THR G 135 0.06 -22.04 5.72
N ALA G 136 -1.17 -21.57 5.75
CA ALA G 136 -2.18 -21.83 4.71
C ALA G 136 -2.34 -20.62 3.81
N ALA G 137 -2.43 -20.81 2.49
CA ALA G 137 -2.43 -19.68 1.57
C ALA G 137 -3.81 -19.05 1.33
N ASP G 138 -4.90 -19.81 1.46
CA ASP G 138 -6.24 -19.31 1.12
C ASP G 138 -7.27 -20.09 1.95
N THR G 139 -8.55 -19.88 1.71
CA THR G 139 -9.55 -20.45 2.61
C THR G 139 -9.78 -21.96 2.42
N ALA G 140 -9.44 -22.50 1.25
CA ALA G 140 -9.38 -23.95 1.08
C ALA G 140 -8.29 -24.59 1.96
N ALA G 141 -7.13 -23.95 1.96
CA ALA G 141 -6.04 -24.46 2.73
C ALA G 141 -6.36 -24.32 4.21
N LEU G 142 -7.16 -23.32 4.61
CA LEU G 142 -7.59 -23.25 6.02
C LEU G 142 -8.44 -24.49 6.39
N ILE G 143 -9.22 -25.03 5.45
CA ILE G 143 -9.99 -26.23 5.69
C ILE G 143 -9.04 -27.39 5.85
N THR G 144 -8.09 -27.54 4.94
CA THR G 144 -7.14 -28.63 5.11
C THR G 144 -6.27 -28.45 6.41
N ARG G 145 -5.99 -27.21 6.79
CA ARG G 145 -5.27 -26.99 8.02
C ARG G 145 -5.98 -27.52 9.24
N ARG G 146 -7.27 -27.23 9.35
CA ARG G 146 -8.08 -27.72 10.44
C ARG G 146 -8.06 -29.25 10.47
N LYS G 147 -8.23 -29.91 9.33
CA LYS G 147 -8.15 -31.37 9.30
C LYS G 147 -6.77 -31.88 9.79
N TRP G 148 -5.70 -31.26 9.32
CA TRP G 148 -4.37 -31.67 9.73
C TRP G 148 -4.02 -31.40 11.20
N GLU G 149 -4.56 -30.33 11.77
CA GLU G 149 -4.47 -30.12 13.22
C GLU G 149 -5.22 -31.22 13.96
N GLN G 150 -6.41 -31.54 13.50
CA GLN G 150 -7.27 -32.60 14.05
C GLN G 150 -6.55 -33.93 14.09
N ALA G 151 -5.82 -34.25 13.02
CA ALA G 151 -5.13 -35.55 12.87
C ALA G 151 -3.71 -35.59 13.50
N GLY G 152 -3.21 -34.44 13.97
CA GLY G 152 -1.86 -34.34 14.53
C GLY G 152 -0.74 -34.55 13.53
N ASP G 153 -0.97 -34.20 12.27
CA ASP G 153 0.03 -34.43 11.26
C ASP G 153 1.34 -33.70 11.55
N ALA G 154 1.28 -32.51 12.11
CA ALA G 154 2.52 -31.75 12.34
C ALA G 154 3.44 -32.53 13.28
N GLU G 155 2.86 -33.14 14.30
CA GLU G 155 3.63 -33.88 15.30
C GLU G 155 4.24 -35.13 14.68
N TYR G 156 3.51 -35.75 13.77
CA TYR G 156 3.96 -36.96 13.14
C TYR G 156 5.12 -36.62 12.22
N TYR G 157 4.94 -35.59 11.39
CA TYR G 157 6.03 -35.22 10.49
C TYR G 157 7.21 -34.61 11.24
N ARG G 158 7.00 -33.99 12.37
CA ARG G 158 8.11 -33.50 13.15
C ARG G 158 8.98 -34.65 13.64
N ALA G 159 8.35 -35.71 14.16
CA ALA G 159 9.08 -36.87 14.64
C ALA G 159 9.90 -37.50 13.52
N TYR G 160 9.34 -37.57 12.33
CA TYR G 160 10.10 -38.13 11.22
C TYR G 160 11.24 -37.20 10.80
N LEU G 161 10.99 -35.90 10.72
CA LEU G 161 11.99 -34.97 10.21
C LEU G 161 13.16 -34.85 11.16
N GLU G 162 12.91 -34.90 12.47
CA GLU G 162 14.01 -34.80 13.42
C GLU G 162 14.74 -36.10 13.66
N GLY G 163 14.14 -37.24 13.26
CA GLY G 163 14.65 -38.56 13.58
C GLY G 163 14.96 -39.34 12.33
N GLU G 164 14.01 -40.13 11.86
CA GLU G 164 14.26 -40.98 10.70
C GLU G 164 14.88 -40.21 9.50
N CYS G 165 14.45 -38.97 9.22
CA CYS G 165 14.91 -38.27 8.03
C CYS G 165 16.44 -38.16 8.07
N VAL G 166 16.95 -37.75 9.22
CA VAL G 166 18.35 -37.53 9.41
C VAL G 166 19.10 -38.85 9.41
N GLU G 167 18.54 -39.86 10.04
CA GLU G 167 19.18 -41.16 10.12
C GLU G 167 19.34 -41.77 8.73
N TRP G 168 18.33 -41.62 7.90
CA TRP G 168 18.39 -42.23 6.58
C TRP G 168 19.36 -41.46 5.69
N LEU G 169 19.47 -40.14 5.90
CA LEU G 169 20.37 -39.33 5.13
C LEU G 169 21.78 -39.86 5.36
N ARG G 170 22.09 -40.12 6.61
CA ARG G 170 23.43 -40.67 6.96
C ARG G 170 23.70 -41.95 6.30
N ARG G 171 22.71 -42.80 6.34
CA ARG G 171 22.86 -44.07 5.77
C ARG G 171 23.10 -43.92 4.27
N TYR G 172 22.35 -43.05 3.61
CA TYR G 172 22.52 -42.93 2.16
C TYR G 172 23.90 -42.36 1.81
N LEU G 173 24.37 -41.39 2.57
CA LEU G 173 25.71 -40.86 2.37
C LEU G 173 26.78 -41.91 2.50
N GLU G 174 26.64 -42.84 3.45
CA GLU G 174 27.58 -43.95 3.56
C GLU G 174 27.49 -44.89 2.37
N LEU G 175 26.27 -45.29 2.01
CA LEU G 175 26.10 -46.23 0.91
C LEU G 175 26.64 -45.65 -0.40
N GLY G 176 26.45 -44.35 -0.62
CA GLY G 176 26.88 -43.71 -1.84
C GLY G 176 28.14 -42.86 -1.69
N ASN G 177 28.93 -43.10 -0.67
CA ASN G 177 29.98 -42.12 -0.36
C ASN G 177 31.03 -41.83 -1.46
N GLU G 178 31.43 -42.85 -2.24
CA GLU G 178 32.37 -42.63 -3.38
C GLU G 178 31.87 -41.50 -4.28
N THR G 179 30.56 -41.43 -4.51
CA THR G 179 30.01 -40.44 -5.41
C THR G 179 29.48 -39.18 -4.71
N LEU G 180 28.75 -39.37 -3.62
CA LEU G 180 28.14 -38.26 -2.88
C LEU G 180 29.16 -37.42 -2.11
N LEU G 181 30.21 -38.02 -1.56
CA LEU G 181 31.20 -37.25 -0.82
C LEU G 181 32.39 -36.76 -1.63
N ARG G 182 32.37 -36.90 -2.94
CA ARG G 182 33.46 -36.39 -3.77
C ARG G 182 33.36 -34.90 -4.00
N THR G 183 34.43 -34.28 -4.41
CA THR G 183 34.33 -32.91 -4.89
C THR G 183 35.15 -32.82 -6.19
N ASP G 184 34.49 -32.45 -7.27
CA ASP G 184 35.13 -32.30 -8.58
C ASP G 184 35.32 -30.82 -8.85
N SER G 185 36.55 -30.42 -8.95
CA SER G 185 36.88 -29.03 -9.19
C SER G 185 36.49 -28.64 -10.58
N PRO G 186 36.07 -27.38 -10.77
CA PRO G 186 35.77 -26.90 -12.12
C PRO G 186 37.04 -26.72 -12.92
N LYS G 187 36.94 -27.08 -14.20
CA LYS G 187 37.93 -26.79 -15.23
C LYS G 187 37.40 -25.50 -15.83
N ALA G 188 38.18 -24.42 -15.71
CA ALA G 188 37.70 -23.11 -16.07
C ALA G 188 38.61 -22.42 -17.06
N HIS G 189 38.02 -21.59 -17.94
CA HIS G 189 38.81 -20.85 -18.91
C HIS G 189 37.95 -19.72 -19.49
N VAL G 190 38.60 -18.77 -20.17
CA VAL G 190 37.93 -17.67 -20.84
C VAL G 190 38.01 -17.76 -22.37
N THR G 191 36.87 -17.55 -23.03
CA THR G 191 36.84 -17.47 -24.49
C THR G 191 36.44 -16.07 -24.92
N TYR G 192 36.84 -15.77 -26.15
CA TYR G 192 36.70 -14.47 -26.76
C TYR G 192 35.85 -14.59 -28.01
N HIS G 193 34.89 -13.70 -28.21
CA HIS G 193 33.95 -13.83 -29.32
C HIS G 193 33.68 -12.48 -29.93
N PRO G 194 34.11 -12.27 -31.18
CA PRO G 194 33.86 -11.00 -31.88
C PRO G 194 32.38 -10.67 -32.00
N ARG G 195 32.04 -9.40 -31.89
CA ARG G 195 30.66 -8.95 -32.03
C ARG G 195 30.71 -7.88 -33.12
N SER G 196 31.22 -6.70 -32.82
CA SER G 196 31.02 -5.52 -33.66
C SER G 196 32.30 -4.75 -33.71
N GLN G 197 32.29 -3.60 -34.38
CA GLN G 197 33.45 -2.75 -34.43
C GLN G 197 33.77 -2.28 -33.05
N VAL G 198 32.74 -2.05 -32.23
CA VAL G 198 32.98 -1.38 -30.96
C VAL G 198 33.09 -2.34 -29.79
N ASP G 199 32.64 -3.59 -29.91
CA ASP G 199 32.71 -4.50 -28.78
C ASP G 199 32.78 -5.97 -29.10
N VAL G 200 33.05 -6.74 -28.06
CA VAL G 200 33.18 -8.18 -28.14
C VAL G 200 32.62 -8.80 -26.86
N THR G 201 32.53 -10.12 -26.87
CA THR G 201 32.06 -10.88 -25.73
C THR G 201 33.20 -11.70 -25.14
N LEU G 202 33.38 -11.60 -23.84
CA LEU G 202 34.25 -12.50 -23.13
C LEU G 202 33.37 -13.44 -22.34
N ARG G 203 33.66 -14.73 -22.39
CA ARG G 203 32.84 -15.70 -21.70
C ARG G 203 33.73 -16.55 -20.82
N CYS G 204 33.35 -16.64 -19.56
CA CYS G 204 34.05 -17.43 -18.58
C CYS G 204 33.29 -18.70 -18.28
N TRP G 205 33.97 -19.82 -18.41
CA TRP G 205 33.33 -21.15 -18.33
C TRP G 205 33.81 -21.89 -17.14
N ALA G 206 32.91 -22.62 -16.50
CA ALA G 206 33.25 -23.60 -15.49
C ALA G 206 32.59 -24.92 -15.84
N LEU G 207 33.38 -25.96 -16.00
CA LEU G 207 32.94 -27.22 -16.51
C LEU G 207 33.34 -28.35 -15.56
N GLY G 208 32.52 -29.39 -15.49
CA GLY G 208 32.89 -30.65 -14.83
C GLY G 208 32.89 -30.63 -13.31
N PHE G 209 32.06 -29.80 -12.69
CA PHE G 209 32.17 -29.62 -11.26
C PHE G 209 31.07 -30.28 -10.45
N TYR G 210 31.37 -30.56 -9.18
CA TYR G 210 30.43 -31.15 -8.24
C TYR G 210 30.95 -30.77 -6.88
N PRO G 211 30.11 -30.29 -5.95
CA PRO G 211 28.68 -30.08 -6.11
C PRO G 211 28.33 -28.89 -7.00
N ALA G 212 27.04 -28.62 -7.15
CA ALA G 212 26.60 -27.59 -8.09
C ALA G 212 26.88 -26.14 -7.63
N ASP G 213 26.87 -25.90 -6.34
CA ASP G 213 27.10 -24.56 -5.85
C ASP G 213 28.44 -24.01 -6.36
N ILE G 214 28.39 -22.81 -6.96
CA ILE G 214 29.55 -22.17 -7.53
C ILE G 214 29.29 -20.71 -7.68
N THR G 215 30.37 -19.90 -7.68
CA THR G 215 30.29 -18.47 -7.99
C THR G 215 31.30 -18.10 -9.08
N LEU G 216 30.77 -17.45 -10.13
CA LEU G 216 31.54 -16.88 -11.24
C LEU G 216 31.26 -15.40 -11.27
N THR G 217 32.28 -14.57 -11.23
CA THR G 217 32.03 -13.14 -11.30
C THR G 217 33.06 -12.46 -12.21
N TRP G 218 32.62 -11.56 -13.06
CA TRP G 218 33.53 -10.71 -13.84
C TRP G 218 33.81 -9.43 -13.04
N GLN G 219 35.04 -8.95 -13.13
CA GLN G 219 35.45 -7.70 -12.53
C GLN G 219 36.28 -6.85 -13.49
N LEU G 220 36.24 -5.54 -13.29
CA LEU G 220 37.02 -4.56 -14.06
C LEU G 220 37.76 -3.68 -13.08
N ASN G 221 39.08 -3.56 -13.18
CA ASN G 221 39.84 -3.03 -12.07
C ASN G 221 39.54 -4.00 -10.88
N GLY G 222 39.17 -3.45 -9.73
CA GLY G 222 38.67 -4.29 -8.66
C GLY G 222 37.16 -4.31 -8.59
N GLU G 223 36.42 -3.81 -9.59
CA GLU G 223 34.97 -3.66 -9.36
C GLU G 223 34.04 -4.71 -10.01
N ASP G 224 33.00 -5.03 -9.24
CA ASP G 224 32.12 -6.15 -9.47
C ASP G 224 31.12 -5.89 -10.62
N LEU G 225 31.12 -6.73 -11.63
CA LEU G 225 30.26 -6.50 -12.79
C LEU G 225 29.00 -7.32 -12.79
N THR G 226 28.65 -7.90 -11.65
CA THR G 226 27.51 -8.84 -11.57
C THR G 226 26.27 -8.28 -12.30
N GLN G 227 25.97 -7.01 -12.12
CA GLN G 227 24.81 -6.40 -12.77
C GLN G 227 24.87 -6.46 -14.31
N ASP G 228 26.04 -6.28 -14.92
CA ASP G 228 26.19 -6.20 -16.39
C ASP G 228 26.42 -7.53 -17.11
N MET G 229 26.45 -8.63 -16.39
CA MET G 229 26.86 -9.83 -17.05
C MET G 229 25.66 -10.67 -17.45
N GLU G 230 25.86 -11.56 -18.41
CA GLU G 230 24.87 -12.58 -18.69
C GLU G 230 25.35 -13.86 -18.03
N LEU G 231 24.47 -14.45 -17.24
CA LEU G 231 24.84 -15.54 -16.35
C LEU G 231 23.80 -16.61 -16.53
N VAL G 232 24.20 -17.76 -17.07
CA VAL G 232 23.23 -18.82 -17.30
C VAL G 232 23.08 -19.58 -16.01
N GLU G 233 21.91 -20.20 -15.82
CA GLU G 233 21.73 -21.08 -14.70
C GLU G 233 22.70 -22.22 -14.82
N THR G 234 23.12 -22.70 -13.66
CA THR G 234 23.90 -23.89 -13.59
C THR G 234 23.12 -25.03 -14.20
N ARG G 235 23.81 -25.84 -14.99
CA ARG G 235 23.11 -26.85 -15.80
C ARG G 235 23.79 -28.21 -15.69
N PRO G 236 23.01 -29.29 -15.72
CA PRO G 236 23.62 -30.61 -15.60
C PRO G 236 24.29 -31.05 -16.86
N ALA G 237 25.49 -31.60 -16.75
CA ALA G 237 26.17 -32.12 -17.92
C ALA G 237 25.62 -33.46 -18.37
N GLY G 238 24.94 -34.18 -17.47
CA GLY G 238 24.37 -35.47 -17.78
C GLY G 238 25.12 -36.65 -17.20
N ASP G 239 26.36 -36.41 -16.77
CA ASP G 239 27.27 -37.42 -16.24
C ASP G 239 27.49 -37.23 -14.74
N GLY G 240 26.60 -36.51 -14.08
CA GLY G 240 26.75 -36.25 -12.63
C GLY G 240 27.49 -34.96 -12.29
N THR G 241 28.06 -34.29 -13.30
CA THR G 241 28.71 -32.99 -13.07
C THR G 241 27.90 -31.82 -13.63
N PHE G 242 28.30 -30.61 -13.28
CA PHE G 242 27.58 -29.40 -13.66
C PHE G 242 28.44 -28.42 -14.46
N GLN G 243 27.78 -27.48 -15.12
CA GLN G 243 28.38 -26.46 -15.96
C GLN G 243 27.79 -25.10 -15.72
N LYS G 244 28.56 -24.06 -15.99
CA LYS G 244 28.04 -22.71 -15.91
C LYS G 244 28.92 -21.80 -16.68
N TRP G 245 28.37 -20.71 -17.17
CA TRP G 245 29.20 -19.63 -17.74
C TRP G 245 28.64 -18.28 -17.48
N ALA G 246 29.53 -17.31 -17.57
CA ALA G 246 29.18 -15.93 -17.38
C ALA G 246 29.90 -15.08 -18.40
N ALA G 247 29.18 -14.18 -19.06
CA ALA G 247 29.73 -13.42 -20.15
C ALA G 247 29.53 -11.95 -19.91
N VAL G 248 30.41 -11.20 -20.54
CA VAL G 248 30.32 -9.80 -20.46
C VAL G 248 30.70 -9.22 -21.85
N VAL G 249 30.00 -8.18 -22.27
CA VAL G 249 30.24 -7.50 -23.51
C VAL G 249 31.15 -6.34 -23.17
N VAL G 250 32.30 -6.20 -23.84
CA VAL G 250 33.29 -5.22 -23.44
C VAL G 250 33.82 -4.53 -24.67
N PRO G 251 34.29 -3.28 -24.52
CA PRO G 251 34.80 -2.55 -25.69
C PRO G 251 36.01 -3.24 -26.38
N LEU G 252 35.96 -3.26 -27.71
CA LEU G 252 37.03 -3.80 -28.52
C LEU G 252 38.32 -3.12 -28.13
N GLY G 253 39.34 -3.93 -27.84
CA GLY G 253 40.64 -3.45 -27.34
C GLY G 253 40.84 -3.28 -25.82
N LYS G 254 39.86 -3.60 -24.98
CA LYS G 254 40.06 -3.49 -23.53
C LYS G 254 39.87 -4.83 -22.84
N GLU G 255 39.89 -5.90 -23.62
CA GLU G 255 39.72 -7.25 -23.11
C GLU G 255 40.60 -7.58 -21.89
N GLN G 256 41.85 -7.12 -21.93
CA GLN G 256 42.84 -7.37 -20.87
C GLN G 256 42.48 -6.81 -19.50
N ASN G 257 41.64 -5.79 -19.44
CA ASN G 257 41.27 -5.17 -18.18
C ASN G 257 40.26 -5.94 -17.34
N TYR G 258 39.69 -7.00 -17.91
CA TYR G 258 38.61 -7.76 -17.30
C TYR G 258 39.12 -9.07 -16.75
N THR G 259 38.64 -9.44 -15.57
CA THR G 259 39.05 -10.68 -14.94
C THR G 259 37.82 -11.45 -14.50
N CYS G 260 37.88 -12.77 -14.66
CA CYS G 260 36.86 -13.68 -14.16
C CYS G 260 37.37 -14.34 -12.88
N HIS G 261 36.50 -14.40 -11.87
CA HIS G 261 36.83 -14.96 -10.59
C HIS G 261 35.91 -16.16 -10.32
N VAL G 262 36.49 -17.30 -9.96
CA VAL G 262 35.75 -18.53 -9.77
C VAL G 262 35.90 -19.08 -8.36
N HIS G 263 34.77 -19.32 -7.71
CA HIS G 263 34.75 -19.87 -6.36
C HIS G 263 33.99 -21.19 -6.36
N HIS G 264 34.61 -22.21 -5.79
CA HIS G 264 34.00 -23.51 -5.69
C HIS G 264 34.63 -24.29 -4.52
N LYS G 265 33.86 -25.17 -3.90
CA LYS G 265 34.37 -26.03 -2.84
C LYS G 265 35.74 -26.64 -3.19
N GLY G 266 35.89 -27.11 -4.42
CA GLY G 266 37.14 -27.70 -4.92
C GLY G 266 38.32 -26.78 -5.23
N LEU G 267 38.15 -25.47 -5.07
CA LEU G 267 39.24 -24.52 -5.26
C LEU G 267 39.72 -24.01 -3.89
N PRO G 268 40.90 -24.46 -3.45
CA PRO G 268 41.35 -24.00 -2.13
C PRO G 268 41.33 -22.45 -2.02
N GLU G 269 41.63 -21.79 -3.14
CA GLU G 269 41.45 -20.34 -3.25
C GLU G 269 40.90 -20.00 -4.60
N PRO G 270 40.25 -18.84 -4.71
CA PRO G 270 39.63 -18.48 -5.97
C PRO G 270 40.59 -18.49 -7.14
N LEU G 271 40.06 -18.86 -8.28
CA LEU G 271 40.73 -18.68 -9.52
C LEU G 271 40.48 -17.30 -10.13
N THR G 272 41.55 -16.65 -10.56
CA THR G 272 41.49 -15.42 -11.34
C THR G 272 41.96 -15.71 -12.75
N LEU G 273 41.16 -15.33 -13.74
CA LEU G 273 41.44 -15.63 -15.14
C LEU G 273 41.25 -14.42 -16.02
N ARG G 274 42.07 -14.31 -17.05
CA ARG G 274 41.95 -13.28 -18.11
C ARG G 274 42.10 -13.87 -19.47
N TRP G 275 41.47 -13.25 -20.46
CA TRP G 275 41.70 -13.61 -21.86
C TRP G 275 43.19 -13.40 -22.22
N LYS G 276 43.80 -14.44 -22.82
CA LYS G 276 45.19 -14.42 -23.27
C LYS G 276 45.18 -14.41 -24.78
N PRO G 277 45.41 -13.25 -25.41
CA PRO G 277 45.21 -13.21 -26.87
C PRO G 277 46.20 -14.08 -27.65
N MET H 1 -4.12 -20.03 -10.05
CA MET H 1 -3.29 -20.72 -11.05
C MET H 1 -2.10 -19.86 -11.41
N ILE H 2 -0.91 -20.40 -11.24
CA ILE H 2 0.24 -19.79 -11.82
C ILE H 2 0.85 -20.65 -12.95
N GLN H 3 1.19 -20.00 -14.04
CA GLN H 3 1.90 -20.61 -15.17
C GLN H 3 3.23 -19.90 -15.43
N ARG H 4 4.27 -20.66 -15.74
CA ARG H 4 5.59 -20.13 -15.95
C ARG H 4 6.17 -20.77 -17.20
N THR H 5 6.81 -19.92 -18.01
CA THR H 5 7.32 -20.34 -19.30
C THR H 5 8.71 -20.93 -19.12
N PRO H 6 9.04 -21.98 -19.85
CA PRO H 6 10.33 -22.62 -19.65
C PRO H 6 11.54 -21.83 -20.09
N LYS H 7 12.61 -21.89 -19.31
CA LYS H 7 13.94 -21.47 -19.76
C LYS H 7 14.55 -22.69 -20.47
N ILE H 8 15.32 -22.44 -21.51
CA ILE H 8 15.83 -23.49 -22.35
C ILE H 8 17.31 -23.25 -22.62
N GLN H 9 18.14 -24.28 -22.39
CA GLN H 9 19.57 -24.27 -22.81
C GLN H 9 19.87 -25.52 -23.58
N VAL H 10 20.63 -25.36 -24.64
CA VAL H 10 21.01 -26.48 -25.49
C VAL H 10 22.53 -26.46 -25.54
N TYR H 11 23.17 -27.58 -25.24
CA TYR H 11 24.64 -27.58 -25.08
C TYR H 11 25.11 -29.01 -25.12
N SER H 12 26.44 -29.17 -25.34
CA SER H 12 27.06 -30.49 -25.38
C SER H 12 27.62 -30.88 -24.02
N ARG H 13 27.63 -32.16 -23.70
CA ARG H 13 28.22 -32.58 -22.48
C ARG H 13 29.70 -32.17 -22.44
N HIS H 14 30.41 -32.42 -23.54
CA HIS H 14 31.86 -32.20 -23.65
C HIS H 14 32.14 -31.11 -24.70
N PRO H 15 33.30 -30.46 -24.62
CA PRO H 15 33.67 -29.57 -25.70
C PRO H 15 33.49 -30.28 -27.05
N ALA H 16 32.78 -29.63 -27.97
CA ALA H 16 32.57 -30.16 -29.28
C ALA H 16 33.87 -30.32 -30.05
N GLU H 17 34.02 -31.49 -30.66
CA GLU H 17 35.11 -31.76 -31.56
C GLU H 17 34.45 -32.56 -32.71
N ASN H 18 34.60 -32.06 -33.94
CA ASN H 18 33.90 -32.68 -35.06
C ASN H 18 34.31 -34.12 -35.28
N GLY H 19 33.32 -34.98 -35.50
CA GLY H 19 33.55 -36.40 -35.71
C GLY H 19 33.77 -37.17 -34.42
N LYS H 20 33.71 -36.51 -33.27
CA LYS H 20 33.91 -37.16 -31.98
C LYS H 20 32.58 -37.30 -31.26
N SER H 21 32.37 -38.46 -30.70
CA SER H 21 31.11 -38.78 -30.07
C SER H 21 30.93 -38.01 -28.75
N ASN H 22 29.69 -37.66 -28.43
CA ASN H 22 29.40 -36.66 -27.40
C ASN H 22 27.94 -36.84 -27.00
N PHE H 23 27.43 -35.89 -26.21
CA PHE H 23 26.02 -35.87 -25.84
C PHE H 23 25.43 -34.49 -26.01
N LEU H 24 24.24 -34.43 -26.61
CA LEU H 24 23.52 -33.20 -26.81
C LEU H 24 22.43 -33.10 -25.77
N ASN H 25 22.44 -32.01 -25.02
CA ASN H 25 21.48 -31.80 -23.97
C ASN H 25 20.57 -30.64 -24.25
N CYS H 26 19.31 -30.79 -23.87
CA CYS H 26 18.40 -29.69 -23.82
C CYS H 26 17.83 -29.66 -22.42
N TYR H 27 18.16 -28.60 -21.68
CA TYR H 27 17.71 -28.46 -20.30
C TYR H 27 16.61 -27.45 -20.28
N VAL H 28 15.44 -27.89 -19.85
CA VAL H 28 14.31 -27.06 -19.73
C VAL H 28 14.03 -26.89 -18.26
N SER H 29 13.85 -25.65 -17.84
CA SER H 29 13.64 -25.40 -16.45
C SER H 29 12.72 -24.21 -16.21
N GLY H 30 12.28 -24.07 -14.98
CA GLY H 30 11.50 -22.88 -14.59
C GLY H 30 10.08 -22.84 -15.12
N PHE H 31 9.54 -24.01 -15.49
CA PHE H 31 8.23 -24.02 -16.11
C PHE H 31 7.09 -24.60 -15.24
N HIS H 32 5.86 -24.17 -15.52
CA HIS H 32 4.71 -24.73 -14.85
C HIS H 32 3.51 -24.46 -15.76
N PRO H 33 2.62 -25.43 -15.98
CA PRO H 33 2.61 -26.78 -15.39
C PRO H 33 3.61 -27.74 -16.06
N SER H 34 3.61 -29.02 -15.66
CA SER H 34 4.66 -29.94 -16.01
C SER H 34 4.58 -30.47 -17.44
N ASP H 35 3.40 -30.54 -18.00
CA ASP H 35 3.17 -30.92 -19.38
C ASP H 35 4.04 -30.05 -20.36
N ILE H 36 4.93 -30.72 -21.09
CA ILE H 36 5.82 -30.01 -21.97
C ILE H 36 6.29 -30.97 -23.08
N GLU H 37 6.43 -30.45 -24.29
CA GLU H 37 6.85 -31.24 -25.45
C GLU H 37 8.26 -30.75 -25.78
N VAL H 38 9.23 -31.64 -25.71
CA VAL H 38 10.58 -31.31 -26.06
C VAL H 38 11.09 -32.29 -27.12
N ASP H 39 11.65 -31.76 -28.21
CA ASP H 39 12.30 -32.59 -29.24
C ASP H 39 13.68 -32.05 -29.58
N LEU H 40 14.62 -32.95 -29.80
CA LEU H 40 15.93 -32.57 -30.30
C LEU H 40 15.87 -32.79 -31.78
N LEU H 41 16.41 -31.84 -32.51
CA LEU H 41 16.32 -31.81 -33.95
C LEU H 41 17.68 -31.87 -34.55
N LYS H 42 17.77 -32.63 -35.64
CA LYS H 42 18.92 -32.68 -36.48
C LYS H 42 18.48 -32.23 -37.87
N ASN H 43 19.04 -31.12 -38.34
CA ASN H 43 18.63 -30.47 -39.58
C ASN H 43 17.09 -30.36 -39.69
N GLY H 44 16.46 -29.86 -38.63
CA GLY H 44 15.03 -29.71 -38.63
C GLY H 44 14.19 -30.96 -38.33
N GLU H 45 14.80 -32.13 -38.23
CA GLU H 45 14.04 -33.36 -38.12
C GLU H 45 14.21 -33.98 -36.73
N ARG H 46 13.11 -34.53 -36.21
CA ARG H 46 13.05 -35.06 -34.85
C ARG H 46 14.02 -36.23 -34.64
N ILE H 47 14.81 -36.21 -33.58
CA ILE H 47 15.64 -37.35 -33.24
C ILE H 47 14.82 -38.29 -32.34
N GLU H 48 14.75 -39.57 -32.65
CA GLU H 48 13.84 -40.45 -31.88
C GLU H 48 14.52 -41.11 -30.68
N LYS H 49 15.86 -41.22 -30.68
CA LYS H 49 16.62 -41.80 -29.55
C LYS H 49 16.54 -41.03 -28.22
N VAL H 50 15.98 -39.86 -28.20
CA VAL H 50 16.12 -38.97 -27.07
C VAL H 50 15.55 -39.57 -25.77
N GLU H 51 16.33 -39.44 -24.69
CA GLU H 51 15.88 -39.78 -23.34
C GLU H 51 15.82 -38.57 -22.45
N HIS H 52 15.18 -38.73 -21.28
CA HIS H 52 15.07 -37.62 -20.36
C HIS H 52 15.09 -38.03 -18.90
N SER H 53 15.41 -37.07 -18.05
CA SER H 53 15.45 -37.28 -16.61
C SER H 53 14.06 -37.39 -16.00
N ASP H 54 14.01 -37.88 -14.78
CA ASP H 54 12.77 -37.97 -14.04
C ASP H 54 12.30 -36.54 -13.66
N LEU H 55 11.02 -36.28 -13.82
CA LEU H 55 10.48 -34.94 -13.54
C LEU H 55 10.71 -34.54 -12.12
N SER H 56 11.28 -33.37 -11.95
CA SER H 56 11.53 -32.85 -10.60
C SER H 56 11.23 -31.38 -10.62
N PHE H 57 11.40 -30.73 -9.47
CA PHE H 57 11.11 -29.31 -9.41
C PHE H 57 11.92 -28.64 -8.35
N SER H 58 11.95 -27.33 -8.43
CA SER H 58 12.74 -26.46 -7.52
C SER H 58 11.91 -25.89 -6.39
N LYS H 59 12.54 -25.07 -5.57
CA LYS H 59 11.93 -24.41 -4.41
C LYS H 59 10.68 -23.66 -4.71
N ASP H 60 10.70 -22.90 -5.80
CA ASP H 60 9.53 -22.12 -6.20
C ASP H 60 8.45 -22.97 -6.90
N TRP H 61 8.62 -24.30 -6.90
CA TRP H 61 7.66 -25.27 -7.42
C TRP H 61 7.77 -25.49 -8.89
N SER H 62 8.68 -24.80 -9.55
CA SER H 62 8.76 -24.91 -10.99
C SER H 62 9.59 -26.12 -11.44
N PHE H 63 9.19 -26.71 -12.55
CA PHE H 63 9.73 -27.98 -12.97
C PHE H 63 11.01 -27.84 -13.78
N TYR H 64 11.78 -28.92 -13.81
CA TYR H 64 12.90 -28.97 -14.71
C TYR H 64 13.11 -30.39 -15.23
N LEU H 65 13.60 -30.49 -16.48
CA LEU H 65 13.87 -31.77 -17.16
C LEU H 65 15.11 -31.62 -18.01
N LEU H 66 15.88 -32.69 -18.08
CA LEU H 66 17.03 -32.76 -19.01
C LEU H 66 16.69 -33.77 -20.09
N TYR H 67 16.71 -33.32 -21.34
CA TYR H 67 16.55 -34.21 -22.52
C TYR H 67 17.92 -34.36 -23.16
N TYR H 68 18.25 -35.56 -23.61
CA TYR H 68 19.57 -35.80 -24.10
C TYR H 68 19.62 -36.96 -25.10
N THR H 69 20.63 -36.91 -25.94
CA THR H 69 20.92 -37.97 -26.87
C THR H 69 22.38 -37.98 -27.20
N GLU H 70 22.87 -39.15 -27.53
CA GLU H 70 24.18 -39.31 -28.08
C GLU H 70 24.20 -38.61 -29.45
N PHE H 71 25.29 -37.96 -29.81
CA PHE H 71 25.44 -37.37 -31.15
C PHE H 71 26.91 -37.11 -31.48
N THR H 72 27.12 -36.79 -32.74
CA THR H 72 28.43 -36.55 -33.25
C THR H 72 28.40 -35.22 -33.97
N PRO H 73 28.96 -34.19 -33.35
CA PRO H 73 29.07 -32.88 -33.99
C PRO H 73 29.83 -32.93 -35.27
N THR H 74 29.51 -32.00 -36.14
CA THR H 74 29.97 -32.02 -37.48
C THR H 74 29.98 -30.57 -37.96
N GLU H 75 30.71 -30.27 -39.01
CA GLU H 75 30.74 -28.91 -39.50
C GLU H 75 29.40 -28.52 -40.15
N LYS H 76 28.76 -29.43 -40.87
CA LYS H 76 27.55 -29.11 -41.66
C LYS H 76 26.20 -29.33 -40.97
N ASP H 77 26.15 -30.15 -39.93
CA ASP H 77 24.87 -30.50 -39.33
C ASP H 77 24.44 -29.48 -38.27
N GLU H 78 23.17 -29.10 -38.34
CA GLU H 78 22.58 -28.19 -37.42
C GLU H 78 21.73 -28.94 -36.40
N TYR H 79 22.01 -28.74 -35.13
CA TYR H 79 21.21 -29.32 -34.07
C TYR H 79 20.45 -28.23 -33.32
N ALA H 80 19.30 -28.61 -32.76
CA ALA H 80 18.45 -27.67 -32.11
C ALA H 80 17.51 -28.38 -31.16
N CYS H 81 16.86 -27.60 -30.28
CA CYS H 81 15.88 -28.10 -29.39
C CYS H 81 14.58 -27.41 -29.69
N ARG H 82 13.49 -28.16 -29.86
CA ARG H 82 12.16 -27.54 -30.02
C ARG H 82 11.26 -27.78 -28.80
N VAL H 83 10.69 -26.72 -28.26
CA VAL H 83 9.92 -26.80 -27.04
C VAL H 83 8.54 -26.22 -27.23
N ASN H 84 7.55 -26.93 -26.76
CA ASN H 84 6.20 -26.42 -26.72
C ASN H 84 5.60 -26.61 -25.33
N HIS H 85 4.74 -25.66 -24.93
CA HIS H 85 4.27 -25.55 -23.55
C HIS H 85 3.05 -24.62 -23.58
N VAL H 86 2.12 -24.77 -22.64
CA VAL H 86 0.92 -23.92 -22.68
C VAL H 86 1.22 -22.42 -22.66
N THR H 87 2.37 -22.00 -22.13
CA THR H 87 2.69 -20.56 -22.09
C THR H 87 3.14 -19.95 -23.39
N LEU H 88 3.41 -20.79 -24.40
CA LEU H 88 3.95 -20.30 -25.69
C LEU H 88 2.88 -20.26 -26.75
N SER H 89 2.87 -19.20 -27.55
CA SER H 89 1.94 -19.09 -28.67
C SER H 89 2.20 -20.12 -29.75
N GLN H 90 3.44 -20.55 -29.87
CA GLN H 90 3.82 -21.59 -30.81
C GLN H 90 5.18 -22.15 -30.38
N PRO H 91 5.57 -23.29 -30.95
CA PRO H 91 6.79 -23.85 -30.41
C PRO H 91 8.00 -22.95 -30.62
N LYS H 92 8.92 -23.04 -29.67
CA LYS H 92 10.11 -22.26 -29.63
C LYS H 92 11.27 -23.17 -30.05
N ILE H 93 12.13 -22.68 -30.94
CA ILE H 93 13.29 -23.44 -31.37
C ILE H 93 14.58 -22.72 -30.94
N VAL H 94 15.43 -23.43 -30.22
CA VAL H 94 16.73 -22.89 -29.80
C VAL H 94 17.83 -23.73 -30.37
N LYS H 95 18.67 -23.09 -31.17
CA LYS H 95 19.72 -23.77 -31.89
C LYS H 95 20.91 -24.01 -31.00
N TRP H 96 21.60 -25.13 -31.23
CA TRP H 96 22.82 -25.42 -30.53
C TRP H 96 23.95 -24.57 -31.10
N ASP H 97 24.61 -23.85 -30.21
CA ASP H 97 25.81 -23.07 -30.52
C ASP H 97 26.91 -23.69 -29.67
N ARG H 98 27.94 -24.23 -30.30
CA ARG H 98 28.99 -24.91 -29.57
C ARG H 98 29.78 -23.99 -28.62
N ASP H 99 29.67 -22.68 -28.80
CA ASP H 99 30.27 -21.70 -27.89
C ASP H 99 29.36 -21.19 -26.78
N MET H 100 28.27 -21.91 -26.49
CA MET H 100 27.34 -21.53 -25.40
C MET H 100 26.81 -22.73 -24.58
N LEU I 1 14.19 -41.84 3.32
CA LEU I 1 12.94 -42.62 3.52
C LEU I 1 11.72 -41.77 3.20
N TYR I 2 10.99 -42.20 2.18
CA TYR I 2 9.73 -41.60 1.84
C TYR I 2 8.76 -41.85 2.98
N LEU I 3 8.01 -40.85 3.39
CA LEU I 3 7.10 -41.10 4.49
C LEU I 3 5.78 -40.40 4.24
N VAL I 4 4.73 -41.21 4.43
CA VAL I 4 3.44 -41.15 3.77
C VAL I 4 2.48 -40.07 4.21
N CYS I 5 1.55 -39.77 3.30
CA CYS I 5 0.19 -39.41 3.67
C CYS I 5 -0.70 -40.68 3.47
N GLY I 6 -1.67 -40.89 4.36
CA GLY I 6 -2.55 -42.06 4.29
C GLY I 6 -3.95 -41.75 3.77
N GLU I 7 -4.72 -40.96 4.53
CA GLU I 7 -6.10 -40.60 4.16
C GLU I 7 -6.49 -39.13 4.44
N ARG I 8 -6.09 -38.60 5.61
CA ARG I 8 -6.11 -37.12 5.90
C ARG I 8 -7.28 -36.60 6.78
N GLY I 9 -8.08 -37.53 7.28
CA GLY I 9 -9.51 -37.28 7.45
C GLY I 9 -9.90 -37.57 6.03
N PHE I 10 -11.03 -37.05 5.55
CA PHE I 10 -11.35 -37.25 4.14
C PHE I 10 -10.48 -36.39 3.20
#